data_1LTI
#
_entry.id   1LTI
#
_cell.length_a   119.700
_cell.length_b   100.500
_cell.length_c   64.400
_cell.angle_alpha   90.00
_cell.angle_beta   90.00
_cell.angle_gamma   90.00
#
_symmetry.space_group_name_H-M   'P 21 21 21'
#
loop_
_entity.id
_entity.type
_entity.pdbx_description
1 polymer 'HEAT LABILE ENTEROTOXIN TYPE I'
2 polymer 'HEAT LABILE ENTEROTOXIN TYPE I'
3 polymer 'HEAT LABILE ENTEROTOXIN TYPE I'
4 branched beta-D-galactopyranose-(1-3)-2-acetamido-2-deoxy-alpha-D-galactopyranose
5 non-polymer beta-D-galactopyranose
6 water water
#
loop_
_entity_poly.entity_id
_entity_poly.type
_entity_poly.pdbx_seq_one_letter_code
_entity_poly.pdbx_strand_id
1 'polypeptide(L)'
;APQTITELCSEYRNTQIYTINDKILSYTESMAGKREMVIITFKSGETFQVEVPGSQHIDSQKKAIERMKDTLRITYLTET
KIDKLCVWNNKTPNSIAAISMKN
;
D,E,F,G,H
2 'polypeptide(L)'
;NGDRLYRADSRPPDEIKRSGGLMPRGHNEYFDRGTQMNINLYDHARGTQTGFVRYDDGYVSTSLSLRSAHLAGQSILSGY
STYYIYVIATAPNMFNVNDVLGVYSPHPYEQEVSALGGIPYSQIYGWYRVNFGVIDERLHRNREYRDRYYRNLNIAPAED
GYRLAGFPPDHQAWREEPWIHHAPQGCGNSSR
;
A
3 'polypeptide(L)' TITGDTCNEETQNLSTIYLREYQSKVKRQIFSDYQSEVDIYNRIRDEL C
#
loop_
_chem_comp.id
_chem_comp.type
_chem_comp.name
_chem_comp.formula
A2G D-saccharide, alpha linking 2-acetamido-2-deoxy-alpha-D-galactopyranose 'C8 H15 N O6'
GAL D-saccharide, beta linking beta-D-galactopyranose 'C6 H12 O6'
#
# COMPACT_ATOMS: atom_id res chain seq x y z
N ALA A 1 15.80 -0.58 27.02
CA ALA A 1 15.42 -1.61 26.02
C ALA A 1 16.48 -1.67 24.92
N PRO A 2 16.55 -2.80 24.20
CA PRO A 2 17.53 -2.94 23.13
C PRO A 2 17.41 -1.75 22.18
N GLN A 3 18.51 -1.38 21.55
CA GLN A 3 18.43 -0.27 20.62
C GLN A 3 18.59 -0.80 19.22
N THR A 4 18.98 -2.06 19.10
CA THR A 4 19.16 -2.69 17.79
C THR A 4 18.72 -4.14 17.85
N ILE A 5 18.61 -4.77 16.68
CA ILE A 5 18.23 -6.18 16.58
C ILE A 5 19.33 -7.12 17.10
N THR A 6 20.60 -6.76 16.87
CA THR A 6 21.72 -7.57 17.34
C THR A 6 21.73 -7.56 18.83
N GLU A 7 21.60 -6.37 19.39
CA GLU A 7 21.57 -6.23 20.83
C GLU A 7 20.38 -6.93 21.44
N LEU A 8 19.22 -6.88 20.79
CA LEU A 8 18.04 -7.56 21.33
C LEU A 8 18.18 -9.11 21.18
N CYS A 9 18.72 -9.54 20.06
CA CYS A 9 18.89 -10.96 19.79
C CYS A 9 19.76 -11.62 20.86
N SER A 10 20.79 -10.90 21.30
CA SER A 10 21.75 -11.37 22.30
C SER A 10 21.20 -11.63 23.69
N GLU A 11 19.95 -11.27 23.92
CA GLU A 11 19.37 -11.53 25.23
C GLU A 11 18.70 -12.89 25.31
N TYR A 12 18.69 -13.62 24.19
CA TYR A 12 18.07 -14.93 24.13
C TYR A 12 19.07 -16.05 23.91
N ARG A 13 18.79 -17.22 24.47
CA ARG A 13 19.66 -18.35 24.26
C ARG A 13 19.19 -19.05 22.98
N ASN A 14 20.12 -19.69 22.27
CA ASN A 14 19.81 -20.41 21.03
C ASN A 14 19.47 -19.54 19.84
N THR A 15 19.90 -18.29 19.84
CA THR A 15 19.57 -17.41 18.73
C THR A 15 20.83 -17.04 17.97
N GLN A 16 20.68 -16.60 16.74
CA GLN A 16 21.80 -16.18 15.94
C GLN A 16 21.28 -15.17 14.94
N ILE A 17 22.17 -14.30 14.47
CA ILE A 17 21.79 -13.26 13.53
C ILE A 17 22.22 -13.63 12.12
N TYR A 18 21.32 -13.46 11.16
CA TYR A 18 21.62 -13.72 9.77
C TYR A 18 21.54 -12.40 9.07
N THR A 19 22.56 -12.04 8.32
CA THR A 19 22.55 -10.79 7.57
C THR A 19 22.05 -11.22 6.20
N ILE A 20 20.83 -10.86 5.90
CA ILE A 20 20.23 -11.25 4.64
C ILE A 20 20.56 -10.25 3.55
N ASN A 21 20.18 -8.99 3.73
CA ASN A 21 20.40 -7.95 2.74
C ASN A 21 19.87 -8.38 1.35
N ASP A 22 18.62 -8.82 1.33
CA ASP A 22 18.04 -9.29 0.08
C ASP A 22 16.55 -9.41 0.27
N LYS A 23 15.79 -9.40 -0.82
CA LYS A 23 14.34 -9.51 -0.77
C LYS A 23 14.01 -10.99 -0.61
N ILE A 24 12.78 -11.29 -0.20
CA ILE A 24 12.33 -12.67 -0.03
C ILE A 24 12.14 -13.33 -1.43
N LEU A 25 12.47 -14.62 -1.58
CA LEU A 25 12.30 -15.30 -2.86
C LEU A 25 10.89 -15.95 -2.98
N SER A 26 10.43 -16.59 -1.92
CA SER A 26 9.13 -17.20 -1.98
C SER A 26 8.47 -17.06 -0.62
N TYR A 27 7.16 -17.19 -0.62
CA TYR A 27 6.41 -17.03 0.59
C TYR A 27 5.42 -18.19 0.61
N THR A 28 5.21 -18.80 1.77
CA THR A 28 4.29 -19.92 1.90
C THR A 28 3.49 -19.72 3.17
N GLU A 29 2.18 -19.80 3.04
CA GLU A 29 1.31 -19.61 4.17
C GLU A 29 0.44 -20.85 4.17
N SER A 30 0.21 -21.39 5.36
CA SER A 30 -0.57 -22.59 5.51
C SER A 30 -1.63 -22.47 6.62
N MET A 31 -2.83 -22.97 6.33
CA MET A 31 -3.89 -22.96 7.34
C MET A 31 -4.22 -24.40 7.72
N ALA A 32 -3.37 -25.32 7.28
CA ALA A 32 -3.56 -26.74 7.58
C ALA A 32 -3.48 -26.98 9.09
N GLY A 33 -4.45 -27.72 9.63
CA GLY A 33 -4.48 -28.01 11.05
C GLY A 33 -3.15 -28.48 11.61
N LYS A 34 -2.69 -27.76 12.63
CA LYS A 34 -1.41 -28.03 13.31
C LYS A 34 -0.17 -27.51 12.54
N ARG A 35 -0.40 -26.96 11.36
CA ARG A 35 0.66 -26.38 10.54
C ARG A 35 0.27 -24.97 10.09
N GLU A 36 -0.36 -24.22 10.98
CA GLU A 36 -0.80 -22.86 10.69
C GLU A 36 0.46 -22.04 10.81
N MET A 37 1.15 -21.84 9.69
CA MET A 37 2.44 -21.15 9.72
C MET A 37 2.81 -20.47 8.40
N VAL A 38 3.93 -19.76 8.41
CA VAL A 38 4.44 -19.11 7.23
C VAL A 38 5.91 -19.52 7.07
N ILE A 39 6.34 -19.76 5.84
CA ILE A 39 7.72 -20.14 5.56
C ILE A 39 8.24 -19.23 4.47
N ILE A 40 9.43 -18.67 4.67
CA ILE A 40 10.07 -17.80 3.67
C ILE A 40 11.45 -18.38 3.32
N THR A 41 11.90 -18.08 2.11
CA THR A 41 13.18 -18.53 1.63
C THR A 41 13.87 -17.43 0.86
N PHE A 42 15.19 -17.55 0.74
CA PHE A 42 16.02 -16.58 0.04
C PHE A 42 16.81 -17.27 -1.08
N LYS A 43 17.30 -16.51 -2.06
CA LYS A 43 18.08 -17.06 -3.18
C LYS A 43 19.36 -17.74 -2.69
N SER A 44 19.79 -17.36 -1.51
CA SER A 44 20.98 -17.92 -0.89
C SER A 44 20.69 -19.34 -0.39
N GLY A 45 19.41 -19.71 -0.41
CA GLY A 45 18.97 -21.02 0.04
C GLY A 45 18.37 -21.09 1.44
N GLU A 46 18.46 -20.00 2.20
CA GLU A 46 17.93 -19.94 3.57
C GLU A 46 16.45 -20.12 3.56
N THR A 47 15.95 -20.74 4.61
CA THR A 47 14.56 -21.03 4.82
C THR A 47 14.31 -20.76 6.30
N PHE A 48 13.29 -19.98 6.61
CA PHE A 48 12.97 -19.66 8.00
C PHE A 48 11.47 -19.77 8.10
N GLN A 49 10.95 -19.95 9.29
CA GLN A 49 9.53 -20.09 9.49
C GLN A 49 9.12 -19.24 10.68
N VAL A 50 7.83 -18.93 10.76
CA VAL A 50 7.27 -18.24 11.91
C VAL A 50 6.61 -19.47 12.46
N GLU A 51 6.88 -19.80 13.71
CA GLU A 51 6.34 -21.02 14.29
C GLU A 51 4.85 -21.03 14.56
N VAL A 52 4.27 -22.24 14.60
CA VAL A 52 2.86 -22.43 14.94
C VAL A 52 2.82 -22.08 16.43
N PRO A 53 1.85 -21.23 16.84
CA PRO A 53 1.74 -20.85 18.25
C PRO A 53 1.63 -22.08 19.12
N GLY A 54 2.46 -22.18 20.14
CA GLY A 54 2.44 -23.34 21.00
C GLY A 54 2.75 -23.04 22.44
N SER A 55 2.96 -24.07 23.24
CA SER A 55 3.24 -23.90 24.67
C SER A 55 4.55 -23.17 24.96
N GLN A 56 5.40 -23.04 23.95
CA GLN A 56 6.67 -22.35 24.12
C GLN A 56 6.47 -20.84 24.07
N HIS A 57 5.28 -20.42 23.66
CA HIS A 57 4.99 -19.00 23.56
C HIS A 57 4.17 -18.47 24.73
N ILE A 58 4.62 -17.33 25.25
CA ILE A 58 3.92 -16.66 26.34
C ILE A 58 2.74 -15.94 25.69
N ASP A 59 1.75 -15.58 26.49
CA ASP A 59 0.57 -14.91 25.98
C ASP A 59 0.86 -13.62 25.22
N SER A 60 1.86 -12.86 25.64
CA SER A 60 2.18 -11.63 24.96
C SER A 60 2.81 -11.79 23.57
N GLN A 61 3.21 -13.01 23.21
CA GLN A 61 3.82 -13.23 21.90
C GLN A 61 2.77 -13.50 20.86
N LYS A 62 1.61 -13.97 21.30
CA LYS A 62 0.52 -14.30 20.39
C LYS A 62 0.16 -13.19 19.42
N LYS A 63 0.02 -11.97 19.90
CA LYS A 63 -0.32 -10.90 18.99
C LYS A 63 0.88 -10.49 18.11
N ALA A 64 2.08 -10.80 18.60
CA ALA A 64 3.32 -10.49 17.87
C ALA A 64 3.60 -11.49 16.75
N ILE A 65 3.18 -12.73 16.96
CA ILE A 65 3.31 -13.81 15.95
C ILE A 65 2.44 -13.38 14.78
N GLU A 66 1.24 -12.91 15.10
CA GLU A 66 0.30 -12.42 14.11
C GLU A 66 0.83 -11.23 13.33
N ARG A 67 1.37 -10.24 14.02
CA ARG A 67 1.96 -9.05 13.38
C ARG A 67 3.08 -9.47 12.48
N MET A 68 3.89 -10.41 12.96
CA MET A 68 5.04 -10.91 12.20
C MET A 68 4.64 -11.56 10.87
N LYS A 69 3.56 -12.33 10.85
CA LYS A 69 3.08 -12.95 9.61
C LYS A 69 2.56 -11.89 8.62
N ASP A 70 1.98 -10.82 9.16
CA ASP A 70 1.50 -9.68 8.34
C ASP A 70 2.72 -9.00 7.73
N THR A 71 3.76 -8.79 8.56
CA THR A 71 4.96 -8.11 8.08
C THR A 71 5.62 -8.87 6.96
N LEU A 72 5.85 -10.16 7.15
CA LEU A 72 6.49 -10.95 6.10
C LEU A 72 5.71 -10.93 4.78
N ARG A 73 4.39 -11.03 4.84
CA ARG A 73 3.60 -11.04 3.62
C ARG A 73 3.79 -9.74 2.83
N ILE A 74 3.65 -8.59 3.49
CA ILE A 74 3.80 -7.32 2.79
C ILE A 74 5.25 -7.07 2.40
N THR A 75 6.22 -7.57 3.19
CA THR A 75 7.63 -7.38 2.83
C THR A 75 7.89 -8.14 1.52
N TYR A 76 7.32 -9.34 1.41
CA TYR A 76 7.47 -10.14 0.21
C TYR A 76 6.82 -9.46 -1.00
N LEU A 77 5.58 -9.04 -0.82
CA LEU A 77 4.84 -8.41 -1.92
C LEU A 77 5.46 -7.12 -2.44
N THR A 78 6.06 -6.36 -1.56
CA THR A 78 6.68 -5.11 -1.99
C THR A 78 8.14 -5.28 -2.43
N GLU A 79 8.66 -6.50 -2.30
CA GLU A 79 10.03 -6.85 -2.66
C GLU A 79 11.02 -5.99 -1.92
N THR A 80 10.74 -5.81 -0.64
CA THR A 80 11.54 -4.99 0.23
C THR A 80 12.69 -5.82 0.76
N LYS A 81 13.88 -5.24 0.71
CA LYS A 81 15.10 -5.91 1.16
C LYS A 81 15.20 -6.06 2.67
N ILE A 82 15.44 -7.28 3.11
CA ILE A 82 15.58 -7.56 4.51
C ILE A 82 17.04 -7.38 4.83
N ASP A 83 17.33 -6.83 6.00
CA ASP A 83 18.70 -6.60 6.42
C ASP A 83 19.18 -7.76 7.27
N LYS A 84 18.59 -7.90 8.44
CA LYS A 84 18.97 -8.98 9.31
C LYS A 84 17.77 -9.67 9.90
N LEU A 85 18.01 -10.90 10.32
CA LEU A 85 17.04 -11.75 10.95
C LEU A 85 17.66 -12.30 12.20
N CYS A 86 16.92 -12.24 13.31
CA CYS A 86 17.39 -12.84 14.54
C CYS A 86 16.55 -14.14 14.54
N VAL A 87 17.21 -15.30 14.62
CA VAL A 87 16.48 -16.56 14.58
C VAL A 87 16.87 -17.51 15.71
N TRP A 88 15.95 -18.36 16.13
CA TRP A 88 16.25 -19.40 17.13
C TRP A 88 16.72 -20.56 16.28
N ASN A 89 17.93 -21.06 16.55
CA ASN A 89 18.51 -22.13 15.75
C ASN A 89 18.28 -23.53 16.27
N ASN A 90 17.35 -23.67 17.21
CA ASN A 90 17.04 -24.98 17.74
C ASN A 90 15.71 -25.52 17.13
N LYS A 91 15.43 -25.08 15.92
CA LYS A 91 14.24 -25.49 15.18
C LYS A 91 14.69 -25.60 13.74
N THR A 92 14.02 -26.46 12.96
CA THR A 92 14.33 -26.56 11.53
C THR A 92 12.99 -26.52 10.77
N PRO A 93 12.75 -25.47 9.94
CA PRO A 93 13.61 -24.32 9.63
C PRO A 93 13.84 -23.44 10.86
N ASN A 94 14.90 -22.63 10.84
CA ASN A 94 15.20 -21.75 11.98
C ASN A 94 13.99 -20.85 12.16
N SER A 95 13.66 -20.57 13.41
CA SER A 95 12.52 -19.77 13.79
C SER A 95 12.81 -18.28 13.93
N ILE A 96 12.00 -17.43 13.33
CA ILE A 96 12.20 -15.97 13.40
C ILE A 96 11.83 -15.32 14.73
N ALA A 97 12.79 -14.61 15.32
CA ALA A 97 12.57 -13.89 16.57
C ALA A 97 12.39 -12.39 16.29
N ALA A 98 13.12 -11.86 15.31
CA ALA A 98 13.02 -10.46 15.01
C ALA A 98 13.54 -10.24 13.62
N ILE A 99 13.17 -9.11 13.03
CA ILE A 99 13.51 -8.76 11.67
C ILE A 99 13.90 -7.29 11.65
N SER A 100 14.80 -6.90 10.77
CA SER A 100 15.15 -5.49 10.63
C SER A 100 15.21 -5.20 9.15
N MET A 101 14.82 -3.98 8.77
CA MET A 101 14.82 -3.53 7.37
C MET A 101 15.47 -2.17 7.36
N LYS A 102 16.28 -1.90 6.34
CA LYS A 102 16.97 -0.62 6.23
C LYS A 102 16.81 -0.03 4.83
N ASN A 103 16.54 1.27 4.77
CA ASN A 103 16.34 1.96 3.50
C ASN A 103 17.50 2.87 3.11
N ALA B 1 -10.75 19.04 22.52
CA ALA B 1 -9.52 18.21 22.56
C ALA B 1 -8.38 18.98 21.88
N PRO B 2 -7.16 18.41 21.88
CA PRO B 2 -6.03 19.08 21.23
C PRO B 2 -6.29 19.20 19.72
N GLN B 3 -5.57 20.09 19.07
CA GLN B 3 -5.73 20.30 17.64
C GLN B 3 -4.42 20.08 16.93
N THR B 4 -3.33 19.97 17.69
CA THR B 4 -2.02 19.73 17.11
C THR B 4 -1.26 18.75 17.99
N ILE B 5 -0.19 18.17 17.46
CA ILE B 5 0.62 17.21 18.22
C ILE B 5 1.34 17.90 19.37
N THR B 6 1.69 19.17 19.17
CA THR B 6 2.37 19.91 20.21
C THR B 6 1.45 20.15 21.40
N GLU B 7 0.19 20.51 21.10
CA GLU B 7 -0.84 20.76 22.10
C GLU B 7 -1.08 19.50 22.92
N LEU B 8 -1.23 18.40 22.21
CA LEU B 8 -1.48 17.11 22.80
C LEU B 8 -0.25 16.70 23.62
N CYS B 9 0.92 16.94 23.04
CA CYS B 9 2.16 16.56 23.68
C CYS B 9 2.39 17.24 25.01
N SER B 10 1.98 18.50 25.11
CA SER B 10 2.14 19.27 26.32
C SER B 10 1.14 18.98 27.45
N GLU B 11 0.25 18.01 27.27
CA GLU B 11 -0.70 17.67 28.34
C GLU B 11 -0.14 16.56 29.22
N TYR B 12 1.09 16.13 28.94
CA TYR B 12 1.71 15.03 29.67
C TYR B 12 3.04 15.43 30.24
N ARG B 13 3.49 14.71 31.26
CA ARG B 13 4.77 14.93 31.90
C ARG B 13 5.78 14.02 31.24
N ASN B 14 7.03 14.46 31.23
CA ASN B 14 8.12 13.66 30.67
C ASN B 14 8.11 13.52 29.16
N THR B 15 7.40 14.40 28.47
CA THR B 15 7.33 14.34 27.02
C THR B 15 8.19 15.41 26.31
N GLN B 16 8.23 15.32 24.99
CA GLN B 16 8.91 16.30 24.17
C GLN B 16 8.78 16.03 22.67
N ILE B 17 8.63 17.12 21.93
CA ILE B 17 8.50 17.12 20.49
C ILE B 17 9.87 17.09 19.82
N TYR B 18 10.03 16.25 18.80
CA TYR B 18 11.26 16.17 18.03
C TYR B 18 10.76 16.47 16.63
N THR B 19 11.35 17.42 15.94
CA THR B 19 10.90 17.69 14.57
C THR B 19 11.81 16.85 13.73
N ILE B 20 11.26 15.87 13.02
CA ILE B 20 12.07 14.97 12.22
C ILE B 20 12.20 15.36 10.76
N ASN B 21 11.05 15.59 10.13
CA ASN B 21 10.96 15.93 8.72
C ASN B 21 11.84 15.02 7.85
N ASP B 22 11.71 13.71 8.05
CA ASP B 22 12.49 12.74 7.30
C ASP B 22 11.76 11.40 7.32
N LYS B 23 12.14 10.55 6.39
CA LYS B 23 11.57 9.21 6.28
C LYS B 23 12.31 8.33 7.30
N ILE B 24 11.82 7.13 7.54
CA ILE B 24 12.47 6.25 8.50
C ILE B 24 13.68 5.56 7.83
N LEU B 25 14.79 5.44 8.56
CA LEU B 25 15.98 4.81 7.98
C LEU B 25 15.87 3.31 8.13
N SER B 26 15.61 2.83 9.34
CA SER B 26 15.47 1.40 9.55
C SER B 26 14.28 1.11 10.43
N TYR B 27 13.74 -0.09 10.24
CA TYR B 27 12.59 -0.57 10.96
C TYR B 27 12.95 -1.92 11.57
N THR B 28 12.65 -2.08 12.86
CA THR B 28 12.92 -3.31 13.60
C THR B 28 11.69 -3.77 14.33
N GLU B 29 11.40 -5.06 14.23
CA GLU B 29 10.21 -5.63 14.84
C GLU B 29 10.63 -6.89 15.56
N SER B 30 9.99 -7.16 16.69
CA SER B 30 10.33 -8.32 17.48
C SER B 30 9.13 -9.04 18.09
N MET B 31 9.15 -10.37 18.03
CA MET B 31 8.08 -11.18 18.63
C MET B 31 8.66 -12.04 19.77
N ALA B 32 9.87 -11.67 20.20
CA ALA B 32 10.57 -12.36 21.27
C ALA B 32 9.91 -12.08 22.62
N GLY B 33 9.73 -13.13 23.42
CA GLY B 33 9.09 -13.01 24.72
C GLY B 33 9.56 -11.82 25.54
N LYS B 34 8.63 -10.99 25.99
CA LYS B 34 8.93 -9.80 26.78
C LYS B 34 9.58 -8.66 25.97
N ARG B 35 9.82 -8.87 24.67
CA ARG B 35 10.41 -7.86 23.78
C ARG B 35 9.57 -7.71 22.50
N GLU B 36 8.27 -7.88 22.64
CA GLU B 36 7.34 -7.74 21.51
C GLU B 36 7.23 -6.21 21.38
N MET B 37 8.00 -5.63 20.44
CA MET B 37 8.06 -4.17 20.29
C MET B 37 8.58 -3.79 18.90
N VAL B 38 8.62 -2.49 18.61
CA VAL B 38 9.11 -2.00 17.31
C VAL B 38 10.15 -0.95 17.64
N ILE B 39 11.18 -0.81 16.81
CA ILE B 39 12.25 0.16 17.04
C ILE B 39 12.53 0.79 15.71
N ILE B 40 12.59 2.12 15.65
CA ILE B 40 12.86 2.84 14.40
C ILE B 40 14.04 3.82 14.57
N THR B 41 14.72 4.16 13.49
CA THR B 41 15.82 5.08 13.64
C THR B 41 15.79 6.02 12.48
N PHE B 42 16.47 7.14 12.64
CA PHE B 42 16.55 8.15 11.61
C PHE B 42 18.00 8.39 11.22
N LYS B 43 18.24 8.95 10.04
CA LYS B 43 19.60 9.21 9.61
C LYS B 43 20.25 10.26 10.51
N SER B 44 19.44 10.90 11.33
CA SER B 44 19.91 11.86 12.31
C SER B 44 20.52 11.12 13.51
N GLY B 45 20.44 9.79 13.53
CA GLY B 45 20.99 9.07 14.65
C GLY B 45 20.02 8.86 15.81
N GLU B 46 18.81 9.42 15.70
CA GLU B 46 17.84 9.23 16.74
C GLU B 46 17.19 7.85 16.58
N THR B 47 16.89 7.24 17.72
CA THR B 47 16.29 5.91 17.81
C THR B 47 15.09 5.99 18.71
N PHE B 48 13.98 5.44 18.27
CA PHE B 48 12.75 5.49 19.06
C PHE B 48 12.12 4.12 19.09
N GLN B 49 11.30 3.88 20.09
CA GLN B 49 10.65 2.59 20.21
C GLN B 49 9.17 2.76 20.53
N VAL B 50 8.40 1.70 20.27
CA VAL B 50 7.00 1.63 20.64
C VAL B 50 7.19 0.61 21.76
N GLU B 51 6.96 1.02 23.00
CA GLU B 51 7.16 0.11 24.14
C GLU B 51 6.36 -1.18 24.14
N VAL B 52 6.90 -2.17 24.85
CA VAL B 52 6.20 -3.45 25.00
C VAL B 52 5.00 -3.11 25.89
N PRO B 53 3.81 -3.64 25.60
CA PRO B 53 2.67 -3.32 26.46
C PRO B 53 2.98 -3.66 27.94
N GLY B 54 2.66 -2.74 28.85
CA GLY B 54 2.94 -2.97 30.25
C GLY B 54 1.93 -2.36 31.18
N SER B 55 2.29 -2.27 32.47
CA SER B 55 1.42 -1.74 33.52
C SER B 55 1.39 -0.20 33.55
N GLN B 56 2.24 0.40 32.72
CA GLN B 56 2.30 1.84 32.59
C GLN B 56 1.25 2.22 31.54
N HIS B 57 0.64 1.19 30.95
CA HIS B 57 -0.40 1.34 29.94
C HIS B 57 -1.80 1.08 30.47
N ILE B 58 -2.72 1.98 30.15
CA ILE B 58 -4.11 1.81 30.55
C ILE B 58 -4.78 1.03 29.41
N ASP B 59 -5.85 0.32 29.72
CA ASP B 59 -6.52 -0.50 28.72
C ASP B 59 -6.83 0.12 27.36
N SER B 60 -7.23 1.39 27.35
CA SER B 60 -7.57 2.07 26.09
C SER B 60 -6.35 2.25 25.20
N GLN B 61 -5.17 2.17 25.80
CA GLN B 61 -3.94 2.31 25.06
C GLN B 61 -3.58 1.06 24.30
N LYS B 62 -4.04 -0.11 24.76
CA LYS B 62 -3.70 -1.39 24.12
C LYS B 62 -3.98 -1.44 22.62
N LYS B 63 -5.16 -0.98 22.22
CA LYS B 63 -5.56 -0.94 20.81
C LYS B 63 -4.70 0.06 20.05
N ALA B 64 -4.32 1.14 20.74
CA ALA B 64 -3.52 2.22 20.20
C ALA B 64 -2.06 1.81 19.93
N ILE B 65 -1.50 1.00 20.82
CA ILE B 65 -0.13 0.52 20.64
C ILE B 65 -0.07 -0.26 19.33
N GLU B 66 -1.05 -1.14 19.15
CA GLU B 66 -1.15 -1.96 17.95
C GLU B 66 -1.24 -1.12 16.68
N ARG B 67 -2.13 -0.14 16.67
CA ARG B 67 -2.31 0.75 15.52
C ARG B 67 -1.04 1.49 15.16
N MET B 68 -0.30 1.97 16.16
CA MET B 68 0.96 2.71 15.95
C MET B 68 2.00 1.90 15.18
N LYS B 69 2.12 0.64 15.53
CA LYS B 69 3.07 -0.24 14.85
C LYS B 69 2.63 -0.47 13.41
N ASP B 70 1.32 -0.56 13.19
CA ASP B 70 0.82 -0.75 11.82
C ASP B 70 1.22 0.48 11.02
N THR B 71 1.01 1.65 11.62
CA THR B 71 1.35 2.90 10.94
C THR B 71 2.83 3.00 10.67
N LEU B 72 3.64 2.73 11.67
CA LEU B 72 5.06 2.81 11.46
C LEU B 72 5.50 1.87 10.35
N ARG B 73 4.91 0.67 10.31
CA ARG B 73 5.30 -0.28 9.27
C ARG B 73 4.99 0.26 7.88
N ILE B 74 3.79 0.77 7.66
CA ILE B 74 3.45 1.26 6.33
C ILE B 74 4.17 2.55 5.97
N THR B 75 4.46 3.37 6.97
CA THR B 75 5.16 4.64 6.76
C THR B 75 6.58 4.32 6.29
N TYR B 76 7.16 3.29 6.91
CA TYR B 76 8.51 2.87 6.57
C TYR B 76 8.63 2.39 5.11
N LEU B 77 7.73 1.50 4.68
CA LEU B 77 7.73 0.94 3.32
C LEU B 77 7.51 1.96 2.25
N THR B 78 6.68 2.95 2.55
CA THR B 78 6.37 3.97 1.56
C THR B 78 7.37 5.10 1.55
N GLU B 79 8.22 5.14 2.58
CA GLU B 79 9.23 6.19 2.70
C GLU B 79 8.54 7.51 2.87
N THR B 80 7.44 7.51 3.60
CA THR B 80 6.68 8.72 3.88
C THR B 80 7.40 9.52 4.99
N LYS B 81 7.50 10.84 4.82
CA LYS B 81 8.18 11.71 5.80
C LYS B 81 7.43 11.96 7.09
N ILE B 82 8.09 11.67 8.22
CA ILE B 82 7.47 11.91 9.51
C ILE B 82 7.78 13.38 9.79
N ASP B 83 6.79 14.12 10.25
CA ASP B 83 6.99 15.52 10.53
C ASP B 83 7.54 15.69 11.96
N LYS B 84 6.73 15.39 12.96
CA LYS B 84 7.13 15.47 14.35
C LYS B 84 6.80 14.22 15.13
N LEU B 85 7.46 14.08 16.27
CA LEU B 85 7.18 12.98 17.15
C LEU B 85 7.01 13.54 18.55
N CYS B 86 6.04 13.03 19.28
CA CYS B 86 5.88 13.42 20.67
C CYS B 86 6.40 12.15 21.35
N VAL B 87 7.36 12.29 22.27
CA VAL B 87 7.96 11.13 22.91
C VAL B 87 8.22 11.35 24.38
N TRP B 88 8.14 10.27 25.16
CA TRP B 88 8.46 10.28 26.59
C TRP B 88 9.99 10.11 26.62
N ASN B 89 10.69 11.09 27.18
CA ASN B 89 12.17 11.09 27.26
C ASN B 89 12.72 10.36 28.50
N ASN B 90 11.84 9.74 29.27
CA ASN B 90 12.27 8.99 30.44
C ASN B 90 12.47 7.48 30.15
N LYS B 91 12.66 7.16 28.87
CA LYS B 91 12.85 5.79 28.41
C LYS B 91 14.04 5.81 27.47
N THR B 92 14.66 4.64 27.30
CA THR B 92 15.78 4.47 26.38
C THR B 92 15.53 3.15 25.62
N PRO B 93 15.25 3.23 24.32
CA PRO B 93 15.14 4.47 23.53
C PRO B 93 13.88 5.25 23.95
N ASN B 94 13.78 6.51 23.54
CA ASN B 94 12.61 7.31 23.89
C ASN B 94 11.36 6.63 23.34
N SER B 95 10.26 6.69 24.08
CA SER B 95 9.02 6.04 23.69
C SER B 95 8.08 6.93 22.88
N ILE B 96 7.63 6.47 21.72
CA ILE B 96 6.73 7.26 20.89
C ILE B 96 5.33 7.35 21.47
N ALA B 97 4.79 8.57 21.64
CA ALA B 97 3.44 8.82 22.17
C ALA B 97 2.48 9.23 21.09
N ALA B 98 2.98 9.90 20.06
CA ALA B 98 2.16 10.34 18.94
C ALA B 98 3.09 10.68 17.79
N ILE B 99 2.53 10.75 16.59
CA ILE B 99 3.29 11.00 15.35
C ILE B 99 2.50 11.92 14.43
N SER B 100 3.18 12.64 13.55
CA SER B 100 2.44 13.47 12.61
C SER B 100 3.14 13.43 11.27
N MET B 101 2.36 13.50 10.20
CA MET B 101 2.85 13.45 8.83
C MET B 101 2.24 14.58 8.02
N LYS B 102 2.97 15.10 7.05
CA LYS B 102 2.45 16.21 6.29
C LYS B 102 2.81 16.13 4.81
N ASN B 103 1.84 16.49 3.98
CA ASN B 103 1.98 16.52 2.51
C ASN B 103 1.93 15.13 1.87
N ALA C 1 -32.72 2.39 5.10
CA ALA C 1 -31.40 3.02 5.35
C ALA C 1 -31.18 4.24 4.44
N PRO C 2 -30.40 5.22 4.91
CA PRO C 2 -30.11 6.42 4.11
C PRO C 2 -29.44 6.01 2.81
N GLN C 3 -29.54 6.85 1.79
CA GLN C 3 -28.90 6.51 0.54
C GLN C 3 -27.83 7.52 0.24
N THR C 4 -27.57 8.39 1.20
CA THR C 4 -26.63 9.47 0.98
C THR C 4 -26.02 10.01 2.26
N ILE C 5 -24.79 10.54 2.18
CA ILE C 5 -24.15 11.10 3.37
C ILE C 5 -24.97 12.28 3.90
N THR C 6 -25.51 13.10 3.00
CA THR C 6 -26.34 14.22 3.43
C THR C 6 -27.58 13.76 4.17
N GLU C 7 -28.30 12.82 3.58
CA GLU C 7 -29.52 12.26 4.17
C GLU C 7 -29.26 11.62 5.52
N LEU C 8 -28.16 10.89 5.60
CA LEU C 8 -27.74 10.22 6.82
C LEU C 8 -27.41 11.23 7.92
N CYS C 9 -26.65 12.26 7.54
CA CYS C 9 -26.20 13.30 8.45
C CYS C 9 -27.35 14.06 9.08
N SER C 10 -28.37 14.32 8.26
CA SER C 10 -29.55 15.04 8.72
C SER C 10 -30.38 14.29 9.73
N GLU C 11 -30.11 13.00 9.91
CA GLU C 11 -30.85 12.21 10.88
C GLU C 11 -30.35 12.46 12.29
N TYR C 12 -29.22 13.17 12.41
CA TYR C 12 -28.63 13.47 13.71
C TYR C 12 -28.71 14.93 14.09
N ARG C 13 -28.59 15.18 15.39
CA ARG C 13 -28.60 16.54 15.93
C ARG C 13 -27.13 16.96 16.00
N ASN C 14 -26.91 18.27 15.97
CA ASN C 14 -25.58 18.84 16.06
C ASN C 14 -24.61 18.39 15.01
N THR C 15 -25.10 18.00 13.85
CA THR C 15 -24.25 17.58 12.76
C THR C 15 -24.20 18.70 11.74
N GLN C 16 -23.29 18.57 10.79
CA GLN C 16 -23.12 19.57 9.75
C GLN C 16 -22.29 18.93 8.65
N ILE C 17 -22.67 19.18 7.41
CA ILE C 17 -21.95 18.65 6.28
C ILE C 17 -20.92 19.71 5.87
N TYR C 18 -19.71 19.24 5.59
CA TYR C 18 -18.60 20.06 5.12
C TYR C 18 -18.28 19.46 3.77
N THR C 19 -18.17 20.31 2.77
CA THR C 19 -17.85 19.88 1.44
C THR C 19 -16.37 20.17 1.35
N ILE C 20 -15.56 19.11 1.27
CA ILE C 20 -14.13 19.28 1.25
C ILE C 20 -13.55 19.30 -0.16
N ASN C 21 -13.80 18.23 -0.90
CA ASN C 21 -13.27 18.12 -2.24
C ASN C 21 -11.73 18.30 -2.31
N ASP C 22 -11.00 17.62 -1.43
CA ASP C 22 -9.54 17.75 -1.42
C ASP C 22 -8.94 16.62 -0.61
N LYS C 23 -7.62 16.44 -0.72
CA LYS C 23 -6.92 15.41 0.05
C LYS C 23 -6.56 15.95 1.43
N ILE C 24 -6.24 15.05 2.35
CA ILE C 24 -5.87 15.42 3.71
C ILE C 24 -4.51 16.08 3.62
N LEU C 25 -4.28 17.12 4.40
CA LEU C 25 -2.98 17.77 4.37
C LEU C 25 -2.03 17.12 5.38
N SER C 26 -2.49 16.89 6.60
CA SER C 26 -1.64 16.29 7.62
C SER C 26 -2.45 15.30 8.41
N TYR C 27 -1.76 14.33 9.00
CA TYR C 27 -2.42 13.27 9.76
C TYR C 27 -1.71 13.15 11.09
N THR C 28 -2.45 13.19 12.18
CA THR C 28 -1.82 13.08 13.47
C THR C 28 -2.43 11.92 14.20
N GLU C 29 -1.59 11.04 14.73
CA GLU C 29 -2.13 9.90 15.45
C GLU C 29 -1.49 9.85 16.83
N SER C 30 -2.28 9.60 17.87
CA SER C 30 -1.76 9.54 19.21
C SER C 30 -2.17 8.28 19.94
N MET C 31 -1.26 7.74 20.72
CA MET C 31 -1.52 6.55 21.52
C MET C 31 -1.40 6.88 23.02
N ALA C 32 -1.29 8.19 23.34
CA ALA C 32 -1.18 8.70 24.72
C ALA C 32 -2.45 8.46 25.51
N GLY C 33 -2.30 8.05 26.76
CA GLY C 33 -3.45 7.75 27.62
C GLY C 33 -4.55 8.78 27.58
N LYS C 34 -5.78 8.31 27.42
CA LYS C 34 -6.94 9.21 27.37
C LYS C 34 -6.93 10.15 26.17
N ARG C 35 -6.05 9.89 25.21
CA ARG C 35 -5.97 10.70 24.01
C ARG C 35 -5.66 9.82 22.79
N GLU C 36 -6.20 8.60 22.77
CA GLU C 36 -6.00 7.67 21.67
C GLU C 36 -6.87 8.17 20.51
N MET C 37 -6.26 8.88 19.56
CA MET C 37 -7.06 9.49 18.49
C MET C 37 -6.29 9.90 17.26
N VAL C 38 -7.04 10.29 16.23
CA VAL C 38 -6.51 10.78 14.96
C VAL C 38 -7.15 12.16 14.70
N ILE C 39 -6.32 13.09 14.25
CA ILE C 39 -6.69 14.47 13.97
C ILE C 39 -6.22 14.72 12.53
N ILE C 40 -7.09 15.25 11.67
CA ILE C 40 -6.68 15.54 10.31
C ILE C 40 -6.94 16.99 9.97
N THR C 41 -6.18 17.56 9.03
CA THR C 41 -6.37 18.93 8.65
C THR C 41 -6.24 19.05 7.16
N PHE C 42 -6.91 20.05 6.59
CA PHE C 42 -6.89 20.31 5.16
C PHE C 42 -6.26 21.64 4.88
N LYS C 43 -5.85 21.84 3.63
CA LYS C 43 -5.22 23.08 3.16
C LYS C 43 -6.11 24.26 3.48
N SER C 44 -7.42 24.03 3.39
CA SER C 44 -8.41 25.05 3.64
C SER C 44 -8.48 25.52 5.11
N GLY C 45 -7.77 24.84 5.99
CA GLY C 45 -7.73 25.21 7.38
C GLY C 45 -8.58 24.42 8.33
N GLU C 46 -9.54 23.66 7.85
CA GLU C 46 -10.39 22.89 8.76
C GLU C 46 -9.58 21.74 9.38
N THR C 47 -9.85 21.49 10.66
CA THR C 47 -9.22 20.46 11.49
C THR C 47 -10.34 19.60 12.03
N PHE C 48 -10.21 18.26 11.93
CA PHE C 48 -11.24 17.37 12.42
C PHE C 48 -10.63 16.23 13.21
N GLN C 49 -11.43 15.57 14.04
CA GLN C 49 -10.91 14.49 14.83
C GLN C 49 -11.85 13.28 14.84
N VAL C 50 -11.28 12.09 15.02
CA VAL C 50 -12.10 10.91 15.22
C VAL C 50 -11.91 10.86 16.74
N GLU C 51 -12.97 11.01 17.52
CA GLU C 51 -12.77 11.05 18.97
C GLU C 51 -12.44 9.78 19.74
N VAL C 52 -12.14 9.99 21.02
CA VAL C 52 -11.79 8.92 21.97
C VAL C 52 -13.06 8.22 22.40
N PRO C 53 -13.10 6.86 22.27
CA PRO C 53 -14.26 6.06 22.64
C PRO C 53 -14.59 6.27 24.10
N GLY C 54 -15.64 7.02 24.36
CA GLY C 54 -16.02 7.28 25.73
C GLY C 54 -17.44 6.83 26.00
N SER C 55 -17.97 7.21 27.17
CA SER C 55 -19.32 6.85 27.58
C SER C 55 -20.37 7.35 26.58
N GLN C 56 -19.97 8.25 25.70
CA GLN C 56 -20.88 8.79 24.70
C GLN C 56 -20.95 7.88 23.49
N HIS C 57 -20.28 6.73 23.54
CA HIS C 57 -20.28 5.80 22.41
C HIS C 57 -20.98 4.49 22.70
N ILE C 58 -21.73 4.02 21.71
CA ILE C 58 -22.43 2.76 21.84
C ILE C 58 -21.44 1.67 21.43
N ASP C 59 -21.70 0.44 21.88
CA ASP C 59 -20.82 -0.67 21.57
C ASP C 59 -20.57 -0.90 20.08
N SER C 60 -21.63 -0.89 19.27
CA SER C 60 -21.43 -1.10 17.85
C SER C 60 -20.53 -0.04 17.23
N GLN C 61 -20.33 1.06 17.96
CA GLN C 61 -19.50 2.17 17.51
C GLN C 61 -18.03 1.99 17.77
N LYS C 62 -17.66 1.06 18.64
CA LYS C 62 -16.23 0.83 18.90
C LYS C 62 -15.55 0.26 17.66
N LYS C 63 -16.18 -0.69 17.00
CA LYS C 63 -15.58 -1.24 15.79
C LYS C 63 -15.59 -0.22 14.65
N ALA C 64 -16.65 0.58 14.56
CA ALA C 64 -16.78 1.60 13.53
C ALA C 64 -15.73 2.70 13.72
N ILE C 65 -15.37 3.00 14.97
CA ILE C 65 -14.34 4.00 15.26
C ILE C 65 -12.98 3.56 14.68
N GLU C 66 -12.62 2.29 14.90
CA GLU C 66 -11.36 1.73 14.41
C GLU C 66 -11.31 1.75 12.91
N ARG C 67 -12.44 1.42 12.30
CA ARG C 67 -12.55 1.41 10.86
C ARG C 67 -12.31 2.82 10.30
N MET C 68 -12.97 3.81 10.88
CA MET C 68 -12.81 5.20 10.45
C MET C 68 -11.33 5.60 10.51
N LYS C 69 -10.65 5.27 11.62
CA LYS C 69 -9.21 5.59 11.76
C LYS C 69 -8.37 4.87 10.71
N ASP C 70 -8.79 3.66 10.31
CA ASP C 70 -8.08 2.92 9.27
C ASP C 70 -8.28 3.67 7.95
N THR C 71 -9.52 4.07 7.69
CA THR C 71 -9.83 4.78 6.47
C THR C 71 -9.02 6.06 6.36
N LEU C 72 -8.96 6.83 7.44
CA LEU C 72 -8.24 8.10 7.42
C LEU C 72 -6.76 7.89 7.11
N ARG C 73 -6.16 6.84 7.69
CA ARG C 73 -4.75 6.56 7.41
C ARG C 73 -4.50 6.25 5.94
N ILE C 74 -5.28 5.34 5.38
CA ILE C 74 -5.07 4.98 3.99
C ILE C 74 -5.41 6.07 2.96
N THR C 75 -6.46 6.87 3.22
CA THR C 75 -6.79 7.95 2.28
C THR C 75 -5.70 9.03 2.34
N TYR C 76 -5.16 9.29 3.53
CA TYR C 76 -4.04 10.23 3.63
C TYR C 76 -2.83 9.74 2.79
N LEU C 77 -2.42 8.49 3.00
CA LEU C 77 -1.27 7.94 2.28
C LEU C 77 -1.44 7.96 0.78
N THR C 78 -2.62 7.57 0.31
CA THR C 78 -2.87 7.53 -1.14
C THR C 78 -3.24 8.90 -1.73
N GLU C 79 -3.32 9.92 -0.89
CA GLU C 79 -3.64 11.25 -1.36
C GLU C 79 -4.99 11.23 -2.08
N THR C 80 -5.97 10.53 -1.53
CA THR C 80 -7.27 10.43 -2.17
C THR C 80 -8.14 11.62 -1.69
N LYS C 81 -8.84 12.29 -2.61
CA LYS C 81 -9.72 13.40 -2.27
C LYS C 81 -10.95 13.00 -1.46
N ILE C 82 -11.22 13.72 -0.38
CA ILE C 82 -12.40 13.45 0.42
C ILE C 82 -13.39 14.37 -0.27
N ASP C 83 -14.64 13.92 -0.42
CA ASP C 83 -15.66 14.76 -1.04
C ASP C 83 -16.39 15.53 0.02
N LYS C 84 -17.09 14.79 0.88
CA LYS C 84 -17.85 15.37 1.96
C LYS C 84 -17.55 14.70 3.28
N LEU C 85 -17.86 15.39 4.37
CA LEU C 85 -17.71 14.87 5.72
C LEU C 85 -18.91 15.31 6.50
N CYS C 86 -19.45 14.43 7.32
CA CYS C 86 -20.57 14.75 8.16
C CYS C 86 -19.92 14.84 9.55
N VAL C 87 -20.00 15.99 10.19
CA VAL C 87 -19.37 16.10 11.48
C VAL C 87 -20.32 16.54 12.55
N TRP C 88 -19.97 16.21 13.80
CA TRP C 88 -20.73 16.63 14.96
C TRP C 88 -20.00 17.91 15.37
N ASN C 89 -20.67 19.05 15.19
CA ASN C 89 -20.06 20.34 15.48
C ASN C 89 -20.20 20.81 16.91
N ASN C 90 -20.46 19.89 17.82
CA ASN C 90 -20.58 20.24 19.22
C ASN C 90 -19.29 19.86 19.96
N LYS C 91 -18.17 19.83 19.23
CA LYS C 91 -16.86 19.49 19.78
C LYS C 91 -15.80 20.27 19.05
N THR C 92 -14.61 20.34 19.66
CA THR C 92 -13.45 21.04 19.10
C THR C 92 -12.18 20.18 19.18
N PRO C 93 -11.64 19.71 18.04
CA PRO C 93 -12.17 19.93 16.68
C PRO C 93 -13.48 19.15 16.44
N ASN C 94 -14.21 19.49 15.39
CA ASN C 94 -15.45 18.80 15.10
C ASN C 94 -15.13 17.34 14.92
N SER C 95 -16.03 16.47 15.39
CA SER C 95 -15.82 15.02 15.28
C SER C 95 -16.41 14.55 13.97
N ILE C 96 -15.77 13.56 13.36
CA ILE C 96 -16.21 12.96 12.10
C ILE C 96 -17.28 11.88 12.37
N ALA C 97 -18.43 11.98 11.71
CA ALA C 97 -19.52 11.01 11.86
C ALA C 97 -19.58 10.12 10.62
N ALA C 98 -19.15 10.66 9.48
CA ALA C 98 -19.15 9.92 8.22
C ALA C 98 -18.29 10.63 7.18
N ILE C 99 -17.83 9.88 6.20
CA ILE C 99 -16.99 10.44 5.17
C ILE C 99 -17.48 9.94 3.85
N SER C 100 -17.25 10.70 2.80
CA SER C 100 -17.70 10.33 1.48
C SER C 100 -16.58 10.68 0.52
N MET C 101 -16.46 9.91 -0.55
CA MET C 101 -15.44 10.17 -1.57
C MET C 101 -15.94 9.66 -2.90
N LYS C 102 -15.56 10.34 -3.98
CA LYS C 102 -15.96 9.90 -5.31
C LYS C 102 -14.92 10.28 -6.34
N ASN C 103 -14.98 9.65 -7.51
CA ASN C 103 -14.02 10.01 -8.54
C ASN C 103 -14.62 10.15 -9.94
N ALA D 1 -19.36 -25.15 -1.21
CA ALA D 1 -19.83 -26.02 -2.34
C ALA D 1 -20.25 -25.26 -3.59
N PRO D 2 -20.96 -24.12 -3.46
CA PRO D 2 -21.36 -23.36 -4.67
C PRO D 2 -20.06 -23.09 -5.41
N GLN D 3 -20.06 -23.15 -6.74
CA GLN D 3 -18.83 -22.93 -7.52
C GLN D 3 -18.73 -21.52 -8.05
N THR D 4 -19.85 -20.83 -8.11
CA THR D 4 -19.88 -19.48 -8.62
C THR D 4 -20.84 -18.65 -7.80
N ILE D 5 -20.87 -17.34 -8.09
CA ILE D 5 -21.75 -16.39 -7.42
C ILE D 5 -23.24 -16.57 -7.78
N THR D 6 -23.56 -16.89 -9.03
CA THR D 6 -24.97 -17.07 -9.37
C THR D 6 -25.56 -18.30 -8.67
N GLU D 7 -24.75 -19.35 -8.51
CA GLU D 7 -25.19 -20.57 -7.83
C GLU D 7 -25.44 -20.30 -6.39
N LEU D 8 -24.53 -19.52 -5.80
CA LEU D 8 -24.63 -19.14 -4.38
C LEU D 8 -25.82 -18.22 -4.14
N CYS D 9 -26.03 -17.28 -5.02
CA CYS D 9 -27.15 -16.36 -4.87
C CYS D 9 -28.50 -17.08 -4.90
N SER D 10 -28.63 -18.15 -5.67
CA SER D 10 -29.89 -18.90 -5.74
C SER D 10 -30.32 -19.66 -4.46
N GLU D 11 -29.40 -19.89 -3.54
CA GLU D 11 -29.72 -20.61 -2.29
C GLU D 11 -30.51 -19.76 -1.32
N TYR D 12 -30.74 -18.50 -1.68
CA TYR D 12 -31.44 -17.58 -0.78
C TYR D 12 -32.74 -16.96 -1.29
N ARG D 13 -33.57 -16.52 -0.35
CA ARG D 13 -34.84 -15.88 -0.68
C ARG D 13 -34.62 -14.39 -0.80
N ASN D 14 -35.31 -13.78 -1.75
CA ASN D 14 -35.26 -12.34 -1.95
C ASN D 14 -33.93 -11.77 -2.43
N THR D 15 -33.19 -12.54 -3.23
CA THR D 15 -31.91 -12.08 -3.77
C THR D 15 -32.00 -11.88 -5.30
N GLN D 16 -31.19 -10.98 -5.85
CA GLN D 16 -31.18 -10.73 -7.29
C GLN D 16 -29.70 -10.69 -7.59
N ILE D 17 -29.31 -10.97 -8.82
CA ILE D 17 -27.92 -10.85 -9.21
C ILE D 17 -27.98 -9.69 -10.18
N TYR D 18 -27.00 -8.80 -10.08
CA TYR D 18 -26.87 -7.63 -10.93
C TYR D 18 -25.50 -7.73 -11.55
N THR D 19 -25.42 -7.67 -12.88
CA THR D 19 -24.11 -7.68 -13.51
C THR D 19 -23.70 -6.21 -13.55
N ILE D 20 -22.68 -5.85 -12.79
CA ILE D 20 -22.25 -4.46 -12.74
C ILE D 20 -21.22 -4.13 -13.79
N ASN D 21 -20.09 -4.81 -13.70
CA ASN D 21 -18.99 -4.63 -14.62
C ASN D 21 -18.50 -3.19 -14.77
N ASP D 22 -18.09 -2.60 -13.67
CA ASP D 22 -17.61 -1.24 -13.69
C ASP D 22 -17.05 -1.04 -12.28
N LYS D 23 -16.29 0.02 -12.12
CA LYS D 23 -15.70 0.35 -10.83
C LYS D 23 -16.71 1.17 -10.02
N ILE D 24 -16.54 1.24 -8.70
CA ILE D 24 -17.42 2.00 -7.80
C ILE D 24 -17.23 3.52 -8.02
N LEU D 25 -18.32 4.29 -8.07
CA LEU D 25 -18.18 5.71 -8.29
C LEU D 25 -17.94 6.42 -6.96
N SER D 26 -18.65 6.02 -5.91
CA SER D 26 -18.45 6.65 -4.62
C SER D 26 -18.59 5.65 -3.48
N TYR D 27 -17.94 5.98 -2.39
CA TYR D 27 -17.91 5.16 -1.19
C TYR D 27 -18.25 6.04 -0.01
N THR D 28 -19.17 5.62 0.84
CA THR D 28 -19.55 6.42 1.99
C THR D 28 -19.48 5.52 3.20
N GLU D 29 -18.82 5.98 4.26
CA GLU D 29 -18.67 5.18 5.46
C GLU D 29 -19.17 5.94 6.69
N SER D 30 -20.02 5.31 7.49
CA SER D 30 -20.57 5.97 8.65
C SER D 30 -20.30 5.26 9.97
N MET D 31 -19.97 6.04 11.00
CA MET D 31 -19.75 5.47 12.32
C MET D 31 -20.80 6.02 13.27
N ALA D 32 -21.78 6.73 12.72
CA ALA D 32 -22.83 7.32 13.53
C ALA D 32 -23.68 6.20 14.18
N GLY D 33 -24.27 6.47 15.34
CA GLY D 33 -25.08 5.49 16.05
C GLY D 33 -26.23 4.86 15.29
N LYS D 34 -26.26 3.53 15.29
CA LYS D 34 -27.28 2.74 14.58
C LYS D 34 -27.21 2.92 13.09
N ARG D 35 -26.13 3.53 12.62
CA ARG D 35 -25.95 3.78 11.20
C ARG D 35 -24.55 3.40 10.77
N GLU D 36 -23.97 2.41 11.45
CA GLU D 36 -22.61 1.94 11.15
C GLU D 36 -22.71 1.12 9.88
N MET D 37 -22.44 1.75 8.75
CA MET D 37 -22.62 1.07 7.48
C MET D 37 -21.74 1.71 6.42
N VAL D 38 -21.80 1.14 5.23
CA VAL D 38 -21.05 1.57 4.06
C VAL D 38 -22.06 1.58 2.92
N ILE D 39 -22.03 2.65 2.10
CA ILE D 39 -22.90 2.84 0.95
C ILE D 39 -21.98 3.09 -0.24
N ILE D 40 -22.30 2.48 -1.38
CA ILE D 40 -21.53 2.65 -2.62
C ILE D 40 -22.52 2.86 -3.78
N THR D 41 -22.10 3.54 -4.83
CA THR D 41 -22.98 3.75 -5.95
C THR D 41 -22.15 3.63 -7.19
N PHE D 42 -22.83 3.55 -8.33
CA PHE D 42 -22.17 3.42 -9.61
C PHE D 42 -22.72 4.44 -10.55
N LYS D 43 -21.96 4.68 -11.59
CA LYS D 43 -22.28 5.61 -12.67
C LYS D 43 -23.66 5.30 -13.22
N SER D 44 -24.06 4.02 -13.18
CA SER D 44 -25.37 3.60 -13.67
C SER D 44 -26.53 4.14 -12.85
N GLY D 45 -26.26 4.55 -11.62
CA GLY D 45 -27.32 5.09 -10.78
C GLY D 45 -27.69 4.15 -9.69
N GLU D 46 -27.06 2.98 -9.69
CA GLU D 46 -27.36 1.96 -8.70
C GLU D 46 -26.65 2.20 -7.37
N THR D 47 -27.39 2.05 -6.27
CA THR D 47 -26.86 2.26 -4.91
C THR D 47 -27.03 0.99 -4.12
N PHE D 48 -26.01 0.59 -3.37
CA PHE D 48 -26.07 -0.62 -2.55
C PHE D 48 -25.47 -0.32 -1.18
N GLN D 49 -25.92 -1.04 -0.16
CA GLN D 49 -25.41 -0.84 1.17
C GLN D 49 -24.91 -2.17 1.73
N VAL D 50 -24.26 -2.08 2.88
CA VAL D 50 -23.82 -3.24 3.64
C VAL D 50 -24.50 -2.91 4.95
N GLU D 51 -25.53 -3.67 5.27
CA GLU D 51 -26.31 -3.46 6.46
C GLU D 51 -25.54 -3.32 7.76
N VAL D 52 -26.16 -2.59 8.67
CA VAL D 52 -25.64 -2.36 10.01
C VAL D 52 -25.78 -3.75 10.67
N PRO D 53 -24.78 -4.21 11.43
CA PRO D 53 -24.96 -5.54 12.04
C PRO D 53 -26.17 -5.50 12.96
N GLY D 54 -27.07 -6.46 12.78
CA GLY D 54 -28.27 -6.47 13.61
C GLY D 54 -28.83 -7.83 13.93
N SER D 55 -30.04 -7.85 14.48
CA SER D 55 -30.70 -9.08 14.87
C SER D 55 -30.97 -10.13 13.77
N GLN D 56 -30.96 -9.72 12.50
CA GLN D 56 -31.20 -10.64 11.39
C GLN D 56 -29.92 -11.34 10.93
N HIS D 57 -28.83 -11.13 11.69
CA HIS D 57 -27.53 -11.72 11.39
C HIS D 57 -27.05 -12.69 12.46
N ILE D 58 -26.62 -13.88 11.99
CA ILE D 58 -26.09 -14.93 12.86
C ILE D 58 -24.67 -14.53 13.20
N ASP D 59 -24.18 -15.01 14.33
CA ASP D 59 -22.83 -14.68 14.78
C ASP D 59 -21.70 -14.91 13.73
N SER D 60 -21.91 -15.85 12.82
CA SER D 60 -20.91 -16.16 11.78
C SER D 60 -20.81 -15.05 10.75
N GLN D 61 -21.93 -14.36 10.52
CA GLN D 61 -21.97 -13.27 9.57
C GLN D 61 -21.31 -12.01 10.09
N LYS D 62 -21.12 -11.90 11.41
CA LYS D 62 -20.48 -10.74 12.03
C LYS D 62 -19.10 -10.41 11.48
N LYS D 63 -18.22 -11.39 11.47
CA LYS D 63 -16.89 -11.18 10.94
C LYS D 63 -16.96 -10.98 9.43
N ALA D 64 -17.96 -11.58 8.81
CA ALA D 64 -18.11 -11.48 7.36
C ALA D 64 -18.55 -10.09 6.90
N ILE D 65 -19.28 -9.37 7.75
CA ILE D 65 -19.75 -8.03 7.45
C ILE D 65 -18.53 -7.11 7.41
N GLU D 66 -17.63 -7.26 8.37
CA GLU D 66 -16.41 -6.45 8.42
C GLU D 66 -15.53 -6.68 7.19
N ARG D 67 -15.39 -7.94 6.79
CA ARG D 67 -14.58 -8.28 5.62
C ARG D 67 -15.14 -7.63 4.34
N MET D 68 -16.47 -7.65 4.20
CA MET D 68 -17.13 -7.05 3.04
C MET D 68 -16.88 -5.53 2.99
N LYS D 69 -17.02 -4.87 4.13
CA LYS D 69 -16.75 -3.42 4.18
C LYS D 69 -15.28 -3.15 3.85
N ASP D 70 -14.39 -4.04 4.28
CA ASP D 70 -12.96 -3.89 3.98
C ASP D 70 -12.74 -4.03 2.51
N THR D 71 -13.43 -4.99 1.91
CA THR D 71 -13.30 -5.23 0.47
C THR D 71 -13.80 -4.09 -0.39
N LEU D 72 -14.89 -3.45 0.02
CA LEU D 72 -15.46 -2.32 -0.72
C LEU D 72 -14.53 -1.11 -0.69
N ARG D 73 -13.86 -0.87 0.44
CA ARG D 73 -12.93 0.26 0.52
C ARG D 73 -11.73 0.06 -0.38
N ILE D 74 -11.12 -1.11 -0.32
CA ILE D 74 -9.95 -1.34 -1.16
C ILE D 74 -10.26 -1.38 -2.66
N THR D 75 -11.41 -1.95 -3.02
CA THR D 75 -11.84 -2.06 -4.41
C THR D 75 -12.04 -0.64 -4.97
N TYR D 76 -12.62 0.21 -4.13
CA TYR D 76 -12.85 1.60 -4.48
C TYR D 76 -11.52 2.31 -4.77
N LEU D 77 -10.64 2.29 -3.78
CA LEU D 77 -9.33 2.93 -3.89
C LEU D 77 -8.50 2.43 -5.08
N THR D 78 -8.50 1.14 -5.32
CA THR D 78 -7.72 0.61 -6.43
C THR D 78 -8.42 0.70 -7.77
N GLU D 79 -9.67 1.16 -7.76
CA GLU D 79 -10.44 1.31 -8.98
C GLU D 79 -10.62 -0.02 -9.69
N THR D 80 -10.96 -1.04 -8.91
CA THR D 80 -11.15 -2.38 -9.44
C THR D 80 -12.60 -2.59 -9.94
N LYS D 81 -12.74 -3.14 -11.14
CA LYS D 81 -14.06 -3.39 -11.69
C LYS D 81 -14.76 -4.51 -10.92
N ILE D 82 -15.99 -4.26 -10.48
CA ILE D 82 -16.77 -5.30 -9.84
C ILE D 82 -17.53 -5.99 -10.98
N ASP D 83 -17.54 -7.32 -10.98
CA ASP D 83 -18.25 -8.07 -12.02
C ASP D 83 -19.75 -8.21 -11.76
N LYS D 84 -20.13 -8.88 -10.68
CA LYS D 84 -21.54 -9.05 -10.33
C LYS D 84 -21.75 -8.89 -8.85
N LEU D 85 -22.99 -8.66 -8.45
CA LEU D 85 -23.35 -8.52 -7.04
C LEU D 85 -24.58 -9.38 -6.77
N CYS D 86 -24.65 -10.01 -5.60
CA CYS D 86 -25.80 -10.78 -5.24
C CYS D 86 -26.30 -9.93 -4.13
N VAL D 87 -27.56 -9.52 -4.19
CA VAL D 87 -28.12 -8.65 -3.18
C VAL D 87 -29.54 -9.04 -2.73
N TRP D 88 -29.85 -8.77 -1.47
CA TRP D 88 -31.20 -8.97 -0.94
C TRP D 88 -31.96 -7.71 -1.41
N ASN D 89 -33.02 -7.90 -2.19
CA ASN D 89 -33.79 -6.77 -2.72
C ASN D 89 -34.95 -6.26 -1.85
N ASN D 90 -35.05 -6.78 -0.65
CA ASN D 90 -36.11 -6.38 0.25
C ASN D 90 -35.60 -5.31 1.19
N LYS D 91 -34.62 -4.55 0.73
CA LYS D 91 -33.99 -3.49 1.54
C LYS D 91 -33.70 -2.32 0.63
N THR D 92 -33.67 -1.12 1.20
CA THR D 92 -33.33 0.04 0.41
C THR D 92 -32.35 0.93 1.14
N PRO D 93 -31.15 1.09 0.58
CA PRO D 93 -30.76 0.46 -0.69
C PRO D 93 -30.69 -1.09 -0.60
N ASN D 94 -30.56 -1.78 -1.73
CA ASN D 94 -30.45 -3.24 -1.69
C ASN D 94 -29.17 -3.66 -0.93
N SER D 95 -29.33 -4.62 -0.04
CA SER D 95 -28.26 -5.15 0.82
C SER D 95 -27.32 -6.13 0.08
N ILE D 96 -26.01 -5.96 0.20
CA ILE D 96 -25.04 -6.86 -0.47
C ILE D 96 -24.89 -8.22 0.24
N ALA D 97 -24.96 -9.29 -0.54
CA ALA D 97 -24.81 -10.65 -0.01
C ALA D 97 -23.49 -11.29 -0.45
N ALA D 98 -23.07 -11.00 -1.68
CA ALA D 98 -21.83 -11.57 -2.22
C ALA D 98 -21.36 -10.66 -3.35
N ILE D 99 -20.05 -10.63 -3.60
CA ILE D 99 -19.44 -9.81 -4.67
C ILE D 99 -18.61 -10.77 -5.50
N SER D 100 -18.29 -10.35 -6.71
CA SER D 100 -17.47 -11.09 -7.64
C SER D 100 -16.63 -10.10 -8.45
N MET D 101 -15.38 -10.44 -8.72
CA MET D 101 -14.49 -9.58 -9.50
C MET D 101 -13.75 -10.43 -10.52
N LYS D 102 -13.59 -9.89 -11.71
CA LYS D 102 -12.96 -10.64 -12.78
C LYS D 102 -12.00 -9.88 -13.70
N ASN D 103 -10.80 -10.45 -13.82
CA ASN D 103 -9.66 -10.03 -14.65
C ASN D 103 -8.63 -9.00 -14.11
N ALA E 1 10.03 -28.91 11.29
CA ALA E 1 8.82 -28.52 10.50
C ALA E 1 9.10 -28.63 9.01
N PRO E 2 8.04 -28.67 8.18
CA PRO E 2 8.19 -28.77 6.72
C PRO E 2 8.92 -27.54 6.26
N GLN E 3 9.59 -27.65 5.13
CA GLN E 3 10.34 -26.55 4.59
C GLN E 3 9.80 -26.10 3.25
N THR E 4 8.78 -26.79 2.77
CA THR E 4 8.20 -26.45 1.48
C THR E 4 6.73 -26.78 1.49
N ILE E 5 6.02 -26.30 0.47
CA ILE E 5 4.59 -26.55 0.35
C ILE E 5 4.36 -28.02 0.07
N THR E 6 5.14 -28.59 -0.84
CA THR E 6 5.02 -30.02 -1.16
C THR E 6 5.19 -30.89 0.10
N GLU E 7 6.26 -30.63 0.82
CA GLU E 7 6.58 -31.32 2.04
C GLU E 7 5.44 -31.20 3.04
N LEU E 8 4.92 -29.99 3.19
CA LEU E 8 3.83 -29.76 4.12
C LEU E 8 2.55 -30.45 3.66
N CYS E 9 2.26 -30.35 2.37
CA CYS E 9 1.06 -30.92 1.78
C CYS E 9 0.95 -32.42 2.04
N SER E 10 2.06 -33.12 1.82
CA SER E 10 2.16 -34.56 2.01
C SER E 10 1.92 -35.12 3.41
N GLU E 11 1.86 -34.28 4.44
CA GLU E 11 1.62 -34.78 5.79
C GLU E 11 0.14 -34.99 6.03
N TYR E 12 -0.67 -34.78 5.01
CA TYR E 12 -2.10 -34.92 5.18
C TYR E 12 -2.73 -35.91 4.19
N ARG E 13 -3.88 -36.46 4.59
CA ARG E 13 -4.57 -37.38 3.71
C ARG E 13 -5.51 -36.51 2.87
N ASN E 14 -5.83 -36.98 1.67
CA ASN E 14 -6.79 -36.25 0.82
C ASN E 14 -6.33 -34.88 0.35
N THR E 15 -5.06 -34.76 -0.01
CA THR E 15 -4.51 -33.49 -0.49
C THR E 15 -3.69 -33.71 -1.76
N GLN E 16 -3.37 -32.63 -2.46
CA GLN E 16 -2.55 -32.69 -3.65
C GLN E 16 -2.09 -31.30 -4.04
N ILE E 17 -0.95 -31.23 -4.71
CA ILE E 17 -0.40 -29.97 -5.14
C ILE E 17 -0.88 -29.62 -6.52
N TYR E 18 -1.29 -28.36 -6.69
CA TYR E 18 -1.70 -27.85 -7.99
C TYR E 18 -0.65 -26.81 -8.33
N THR E 19 0.14 -27.04 -9.37
CA THR E 19 1.17 -26.09 -9.78
C THR E 19 0.47 -25.02 -10.61
N ILE E 20 0.14 -23.89 -9.99
CA ILE E 20 -0.57 -22.84 -10.70
C ILE E 20 0.32 -22.02 -11.63
N ASN E 21 1.15 -21.17 -11.04
CA ASN E 21 2.04 -20.30 -11.79
C ASN E 21 1.24 -19.32 -12.64
N ASP E 22 0.39 -18.55 -11.98
CA ASP E 22 -0.48 -17.59 -12.65
C ASP E 22 -1.25 -16.80 -11.62
N LYS E 23 -1.85 -15.72 -12.07
CA LYS E 23 -2.64 -14.88 -11.20
C LYS E 23 -4.07 -15.39 -11.22
N ILE E 24 -4.82 -14.97 -10.22
CA ILE E 24 -6.23 -15.30 -10.04
C ILE E 24 -7.08 -14.59 -11.11
N LEU E 25 -7.99 -15.32 -11.73
CA LEU E 25 -8.88 -14.77 -12.76
C LEU E 25 -10.08 -14.03 -12.16
N SER E 26 -10.78 -14.68 -11.24
CA SER E 26 -11.91 -14.04 -10.60
C SER E 26 -11.82 -14.39 -9.12
N TYR E 27 -12.44 -13.53 -8.31
CA TYR E 27 -12.46 -13.63 -6.85
C TYR E 27 -13.90 -13.38 -6.47
N THR E 28 -14.50 -14.29 -5.71
CA THR E 28 -15.88 -14.14 -5.27
C THR E 28 -15.95 -14.20 -3.75
N GLU E 29 -16.61 -13.23 -3.12
CA GLU E 29 -16.65 -13.25 -1.69
C GLU E 29 -18.08 -13.18 -1.26
N SER E 30 -18.45 -13.97 -0.24
CA SER E 30 -19.83 -14.00 0.24
C SER E 30 -19.98 -13.82 1.76
N MET E 31 -21.02 -13.08 2.17
CA MET E 31 -21.33 -12.88 3.60
C MET E 31 -22.71 -13.44 3.91
N ALA E 32 -23.30 -14.14 2.93
CA ALA E 32 -24.61 -14.76 3.10
C ALA E 32 -24.56 -15.83 4.21
N GLY E 33 -25.58 -15.86 5.06
CA GLY E 33 -25.65 -16.80 6.18
C GLY E 33 -25.27 -18.23 5.86
N LYS E 34 -24.41 -18.78 6.71
CA LYS E 34 -23.92 -20.17 6.59
C LYS E 34 -23.07 -20.42 5.36
N ARG E 35 -22.78 -19.39 4.58
CA ARG E 35 -21.94 -19.52 3.38
C ARG E 35 -20.94 -18.38 3.25
N GLU E 36 -20.29 -18.08 4.36
CA GLU E 36 -19.29 -17.02 4.42
C GLU E 36 -17.97 -17.66 3.97
N MET E 37 -17.65 -17.47 2.69
CA MET E 37 -16.47 -18.13 2.13
C MET E 37 -15.96 -17.30 0.99
N VAL E 38 -14.89 -17.78 0.38
CA VAL E 38 -14.28 -17.10 -0.76
C VAL E 38 -14.03 -18.15 -1.82
N ILE E 39 -14.10 -17.77 -3.08
CA ILE E 39 -13.89 -18.70 -4.17
C ILE E 39 -13.04 -17.97 -5.17
N ILE E 40 -12.01 -18.63 -5.70
CA ILE E 40 -11.15 -17.99 -6.71
C ILE E 40 -11.19 -18.91 -7.94
N THR E 41 -10.82 -18.40 -9.10
CA THR E 41 -10.84 -19.17 -10.32
C THR E 41 -9.60 -18.82 -11.12
N PHE E 42 -9.11 -19.74 -11.94
CA PHE E 42 -7.92 -19.47 -12.74
C PHE E 42 -8.26 -19.54 -14.20
N LYS E 43 -7.36 -19.12 -15.07
CA LYS E 43 -7.63 -19.17 -16.50
C LYS E 43 -7.86 -20.61 -16.97
N SER E 44 -7.21 -21.56 -16.29
CA SER E 44 -7.30 -22.98 -16.58
C SER E 44 -8.70 -23.54 -16.37
N GLY E 45 -9.47 -22.85 -15.54
CA GLY E 45 -10.80 -23.31 -15.23
C GLY E 45 -10.80 -23.84 -13.81
N GLU E 46 -9.63 -24.02 -13.21
CA GLU E 46 -9.55 -24.54 -11.84
C GLU E 46 -10.16 -23.54 -10.88
N THR E 47 -11.05 -24.08 -10.04
CA THR E 47 -11.83 -23.36 -9.05
C THR E 47 -11.56 -23.91 -7.66
N PHE E 48 -11.16 -23.06 -6.72
CA PHE E 48 -10.86 -23.46 -5.34
C PHE E 48 -11.63 -22.62 -4.36
N GLN E 49 -11.78 -23.10 -3.13
CA GLN E 49 -12.52 -22.35 -2.15
C GLN E 49 -11.82 -22.29 -0.80
N VAL E 50 -12.20 -21.32 0.01
CA VAL E 50 -11.69 -21.25 1.38
C VAL E 50 -12.98 -21.59 2.07
N GLU E 51 -12.95 -22.62 2.90
CA GLU E 51 -14.12 -23.12 3.59
C GLU E 51 -14.71 -22.26 4.68
N VAL E 52 -16.04 -22.37 4.82
CA VAL E 52 -16.79 -21.68 5.85
C VAL E 52 -16.27 -22.40 7.08
N PRO E 53 -15.88 -21.65 8.12
CA PRO E 53 -15.40 -22.31 9.33
C PRO E 53 -16.50 -23.19 9.92
N GLY E 54 -16.18 -24.45 10.16
CA GLY E 54 -17.13 -25.38 10.71
C GLY E 54 -16.43 -26.22 11.74
N SER E 55 -17.02 -27.37 12.07
CA SER E 55 -16.45 -28.28 13.08
C SER E 55 -15.14 -28.91 12.61
N GLN E 56 -15.08 -29.23 11.31
CA GLN E 56 -13.90 -29.83 10.70
C GLN E 56 -12.59 -29.12 11.05
N HIS E 57 -12.70 -27.88 11.52
CA HIS E 57 -11.56 -27.07 11.88
C HIS E 57 -11.31 -27.08 13.38
N ILE E 58 -10.05 -27.01 13.74
CA ILE E 58 -9.67 -26.94 15.14
C ILE E 58 -9.61 -25.45 15.43
N ASP E 59 -9.57 -25.07 16.69
CA ASP E 59 -9.56 -23.66 17.09
C ASP E 59 -8.45 -22.75 16.55
N SER E 60 -7.25 -23.31 16.40
CA SER E 60 -6.13 -22.54 15.90
C SER E 60 -6.25 -22.21 14.41
N GLN E 61 -7.16 -22.89 13.72
CA GLN E 61 -7.35 -22.66 12.29
C GLN E 61 -8.27 -21.47 12.03
N LYS E 62 -8.99 -21.07 13.05
CA LYS E 62 -9.93 -19.97 12.99
C LYS E 62 -9.24 -18.72 12.40
N LYS E 63 -8.13 -18.33 13.02
CA LYS E 63 -7.38 -17.16 12.57
C LYS E 63 -6.68 -17.36 11.25
N ALA E 64 -6.16 -18.56 11.01
CA ALA E 64 -5.46 -18.88 9.75
C ALA E 64 -6.42 -18.81 8.54
N ILE E 65 -7.69 -19.16 8.77
CA ILE E 65 -8.72 -19.10 7.74
C ILE E 65 -8.93 -17.63 7.33
N GLU E 66 -9.09 -16.75 8.32
CA GLU E 66 -9.26 -15.32 8.03
C GLU E 66 -8.07 -14.73 7.28
N ARG E 67 -6.85 -15.11 7.69
CA ARG E 67 -5.65 -14.62 7.06
C ARG E 67 -5.58 -15.06 5.62
N MET E 68 -5.90 -16.33 5.38
CA MET E 68 -5.86 -16.85 4.02
C MET E 68 -6.79 -16.04 3.13
N LYS E 69 -7.96 -15.69 3.67
CA LYS E 69 -8.92 -14.88 2.91
C LYS E 69 -8.36 -13.47 2.67
N ASP E 70 -7.61 -12.93 3.64
CA ASP E 70 -6.97 -11.64 3.44
C ASP E 70 -5.92 -11.77 2.35
N THR E 71 -5.14 -12.84 2.40
CA THR E 71 -4.10 -13.07 1.42
C THR E 71 -4.58 -13.19 -0.02
N LEU E 72 -5.68 -13.92 -0.21
CA LEU E 72 -6.25 -14.11 -1.54
C LEU E 72 -6.86 -12.82 -2.12
N ARG E 73 -7.43 -11.95 -1.29
CA ARG E 73 -7.99 -10.69 -1.81
C ARG E 73 -6.84 -9.78 -2.36
N ILE E 74 -5.75 -9.69 -1.60
CA ILE E 74 -4.58 -8.88 -1.97
C ILE E 74 -3.97 -9.39 -3.25
N THR E 75 -3.75 -10.72 -3.30
CA THR E 75 -3.14 -11.37 -4.46
C THR E 75 -3.96 -11.10 -5.71
N TYR E 76 -5.26 -11.23 -5.58
CA TYR E 76 -6.18 -10.95 -6.68
C TYR E 76 -6.08 -9.49 -7.16
N LEU E 77 -6.30 -8.54 -6.24
CA LEU E 77 -6.26 -7.12 -6.60
C LEU E 77 -4.94 -6.64 -7.14
N THR E 78 -3.85 -7.33 -6.80
CA THR E 78 -2.53 -6.92 -7.29
C THR E 78 -2.03 -7.78 -8.45
N GLU E 79 -2.82 -8.75 -8.85
CA GLU E 79 -2.43 -9.65 -9.95
C GLU E 79 -1.08 -10.30 -9.64
N THR E 80 -0.91 -10.68 -8.38
CA THR E 80 0.30 -11.30 -7.92
C THR E 80 0.23 -12.75 -8.36
N LYS E 81 1.31 -13.25 -8.96
CA LYS E 81 1.39 -14.63 -9.44
C LYS E 81 1.45 -15.68 -8.31
N ILE E 82 0.58 -16.68 -8.37
CA ILE E 82 0.56 -17.76 -7.40
C ILE E 82 1.38 -18.92 -7.96
N ASP E 83 2.14 -19.58 -7.11
CA ASP E 83 3.00 -20.68 -7.54
C ASP E 83 2.24 -22.00 -7.49
N LYS E 84 1.96 -22.48 -6.29
CA LYS E 84 1.28 -23.74 -6.15
C LYS E 84 0.26 -23.62 -5.07
N LEU E 85 -0.68 -24.57 -5.05
CA LEU E 85 -1.73 -24.66 -4.05
C LEU E 85 -1.71 -26.05 -3.47
N CYS E 86 -2.08 -26.20 -2.21
CA CYS E 86 -2.18 -27.49 -1.57
C CYS E 86 -3.65 -27.53 -1.20
N VAL E 87 -4.39 -28.45 -1.80
CA VAL E 87 -5.81 -28.52 -1.59
C VAL E 87 -6.28 -29.87 -1.06
N TRP E 88 -7.29 -29.85 -0.20
CA TRP E 88 -7.91 -31.06 0.31
C TRP E 88 -8.88 -31.39 -0.83
N ASN E 89 -8.57 -32.43 -1.59
CA ASN E 89 -9.38 -32.81 -2.72
C ASN E 89 -10.68 -33.55 -2.39
N ASN E 90 -11.11 -33.52 -1.14
CA ASN E 90 -12.34 -34.22 -0.80
C ASN E 90 -13.50 -33.24 -0.62
N LYS E 91 -13.44 -32.12 -1.34
CA LYS E 91 -14.47 -31.10 -1.31
C LYS E 91 -14.69 -30.58 -2.72
N THR E 92 -15.87 -29.98 -2.95
CA THR E 92 -16.23 -29.39 -4.24
C THR E 92 -16.74 -27.95 -4.01
N PRO E 93 -15.99 -26.92 -4.44
CA PRO E 93 -14.69 -26.95 -5.13
C PRO E 93 -13.59 -27.45 -4.16
N ASN E 94 -12.42 -27.81 -4.66
CA ASN E 94 -11.36 -28.29 -3.76
C ASN E 94 -10.99 -27.20 -2.76
N SER E 95 -10.96 -27.56 -1.47
CA SER E 95 -10.66 -26.64 -0.40
C SER E 95 -9.16 -26.33 -0.27
N ILE E 96 -8.79 -25.05 -0.09
CA ILE E 96 -7.38 -24.61 0.02
C ILE E 96 -6.75 -24.82 1.41
N ALA E 97 -5.54 -25.40 1.42
CA ALA E 97 -4.82 -25.66 2.67
C ALA E 97 -3.58 -24.77 2.82
N ALA E 98 -2.90 -24.47 1.74
CA ALA E 98 -1.73 -23.63 1.83
C ALA E 98 -1.50 -23.07 0.47
N ILE E 99 -0.76 -21.97 0.41
CA ILE E 99 -0.48 -21.32 -0.86
C ILE E 99 1.01 -20.93 -0.84
N SER E 100 1.64 -20.88 -2.00
CA SER E 100 3.01 -20.47 -2.07
C SER E 100 3.15 -19.57 -3.30
N MET E 101 3.95 -18.52 -3.17
CA MET E 101 4.16 -17.56 -4.24
C MET E 101 5.65 -17.47 -4.45
N LYS E 102 6.09 -17.12 -5.65
CA LYS E 102 7.52 -17.06 -5.90
C LYS E 102 8.04 -15.97 -6.82
N ASN E 103 9.28 -15.58 -6.54
CA ASN E 103 10.07 -14.57 -7.24
C ASN E 103 9.60 -13.16 -6.94
N ARG F 4 -0.58 13.87 -23.03
CA ARG F 4 0.20 12.59 -23.00
C ARG F 4 1.46 12.80 -23.82
N LEU F 5 2.52 12.11 -23.46
CA LEU F 5 3.80 12.22 -24.16
C LEU F 5 4.09 10.85 -24.72
N TYR F 6 4.94 10.76 -25.76
CA TYR F 6 5.23 9.47 -26.36
C TYR F 6 6.72 9.16 -26.48
N ARG F 7 7.10 7.88 -26.38
CA ARG F 7 8.50 7.50 -26.53
C ARG F 7 8.67 6.26 -27.36
N ALA F 8 9.56 6.33 -28.34
CA ALA F 8 9.87 5.21 -29.24
C ALA F 8 10.90 4.35 -28.53
N ASP F 9 10.67 3.05 -28.44
CA ASP F 9 11.64 2.23 -27.73
C ASP F 9 11.61 0.79 -28.21
N SER F 10 12.78 0.21 -28.38
CA SER F 10 12.88 -1.17 -28.81
C SER F 10 12.57 -2.06 -27.62
N ARG F 11 12.86 -1.59 -26.41
CA ARG F 11 12.56 -2.37 -25.21
C ARG F 11 11.07 -2.73 -25.11
N PRO F 12 10.75 -4.03 -25.00
CA PRO F 12 9.38 -4.54 -24.91
C PRO F 12 8.68 -4.37 -23.56
N PRO F 13 7.35 -4.31 -23.59
CA PRO F 13 6.44 -4.15 -22.44
C PRO F 13 6.81 -5.00 -21.23
N ASP F 14 7.02 -6.31 -21.47
CA ASP F 14 7.39 -7.25 -20.40
C ASP F 14 8.77 -6.98 -19.77
N GLU F 15 9.67 -6.35 -20.53
CA GLU F 15 10.99 -6.00 -20.03
C GLU F 15 10.82 -4.78 -19.13
N ILE F 16 10.09 -3.78 -19.64
CA ILE F 16 9.79 -2.54 -18.93
C ILE F 16 9.08 -2.86 -17.61
N LYS F 17 8.20 -3.85 -17.63
CA LYS F 17 7.46 -4.28 -16.44
C LYS F 17 8.38 -4.86 -15.39
N ARG F 18 9.39 -5.61 -15.85
CA ARG F 18 10.35 -6.22 -14.93
C ARG F 18 11.28 -5.15 -14.38
N SER F 19 11.54 -4.11 -15.17
CA SER F 19 12.42 -3.02 -14.75
C SER F 19 11.76 -1.99 -13.84
N GLY F 20 10.44 -1.87 -13.93
CA GLY F 20 9.74 -0.88 -13.14
C GLY F 20 9.36 0.36 -13.93
N GLY F 21 9.66 0.35 -15.22
CA GLY F 21 9.34 1.48 -16.07
C GLY F 21 10.45 1.74 -17.07
N LEU F 22 10.28 2.77 -17.93
CA LEU F 22 11.27 3.16 -18.92
C LEU F 22 12.41 3.80 -18.14
N MET F 23 13.49 3.03 -18.02
CA MET F 23 14.68 3.44 -17.28
C MET F 23 15.73 4.18 -18.09
N PRO F 24 16.43 5.12 -17.44
CA PRO F 24 17.46 5.86 -18.16
C PRO F 24 18.65 4.88 -18.30
N ARG F 25 19.67 5.27 -19.07
CA ARG F 25 20.82 4.41 -19.30
C ARG F 25 21.56 4.04 -18.02
N GLY F 26 21.75 2.74 -17.83
CA GLY F 26 22.45 2.25 -16.66
C GLY F 26 21.62 1.85 -15.46
N HIS F 27 20.49 2.52 -15.22
CA HIS F 27 19.66 2.20 -14.07
C HIS F 27 18.92 0.88 -14.29
N ASN F 28 19.13 -0.09 -13.40
CA ASN F 28 18.52 -1.42 -13.52
C ASN F 28 17.06 -1.54 -13.08
N GLU F 29 16.77 -1.13 -11.85
CA GLU F 29 15.42 -1.19 -11.34
C GLU F 29 15.06 0.26 -11.06
N TYR F 30 13.78 0.60 -11.18
CA TYR F 30 13.38 1.97 -10.94
C TYR F 30 13.78 2.51 -9.57
N PHE F 31 13.45 1.76 -8.52
CA PHE F 31 13.78 2.16 -7.14
C PHE F 31 15.22 1.90 -6.69
N ASP F 32 15.87 0.95 -7.37
CA ASP F 32 17.26 0.55 -7.11
C ASP F 32 18.13 1.71 -6.60
N ARG F 33 18.48 1.65 -5.31
CA ARG F 33 19.34 2.66 -4.69
C ARG F 33 20.81 2.14 -4.70
N GLY F 34 21.64 2.66 -3.79
CA GLY F 34 23.04 2.23 -3.74
C GLY F 34 23.84 2.69 -4.94
N THR F 35 23.62 2.03 -6.09
CA THR F 35 24.28 2.36 -7.35
C THR F 35 23.87 3.73 -7.87
N GLN F 36 24.37 4.79 -7.22
CA GLN F 36 24.04 6.15 -7.65
C GLN F 36 24.62 6.42 -9.05
N MET F 37 23.82 7.09 -9.87
CA MET F 37 24.19 7.44 -11.24
C MET F 37 24.21 8.97 -11.39
N ASN F 38 24.90 9.48 -12.40
CA ASN F 38 24.96 10.93 -12.60
C ASN F 38 23.66 11.45 -13.17
N ILE F 39 23.01 12.36 -12.46
CA ILE F 39 21.75 12.92 -12.91
C ILE F 39 21.94 14.38 -13.32
N ASN F 40 22.00 14.62 -14.63
CA ASN F 40 22.21 15.98 -15.14
C ASN F 40 21.39 16.24 -16.40
N LEU F 41 20.58 17.29 -16.38
CA LEU F 41 19.74 17.63 -17.53
C LEU F 41 20.53 18.08 -18.75
N TYR F 42 21.36 19.10 -18.61
CA TYR F 42 22.12 19.62 -19.75
C TYR F 42 22.95 18.53 -20.49
N ASP F 43 23.51 17.58 -19.74
CA ASP F 43 24.32 16.49 -20.28
C ASP F 43 23.49 15.43 -20.96
N HIS F 44 22.26 15.30 -20.50
CA HIS F 44 21.34 14.34 -21.06
C HIS F 44 20.86 14.84 -22.42
N ALA F 45 20.50 16.14 -22.48
CA ALA F 45 19.99 16.83 -23.67
C ALA F 45 20.89 16.92 -24.92
N ARG F 46 22.20 16.98 -24.68
CA ARG F 46 23.20 17.04 -25.75
C ARG F 46 23.62 15.63 -26.18
N GLY F 47 23.31 14.64 -25.35
CA GLY F 47 23.69 13.28 -25.65
C GLY F 47 22.83 12.48 -26.62
N THR F 48 23.18 12.50 -27.90
CA THR F 48 22.46 11.72 -28.91
C THR F 48 23.00 10.27 -28.79
N GLN F 49 22.11 9.29 -28.77
CA GLN F 49 22.54 7.89 -28.65
C GLN F 49 21.97 7.08 -29.79
N THR F 50 22.77 6.14 -30.31
CA THR F 50 22.29 5.30 -31.39
C THR F 50 21.81 3.99 -30.77
N GLY F 51 20.64 3.55 -31.23
CA GLY F 51 20.04 2.34 -30.71
C GLY F 51 19.00 2.71 -29.66
N PHE F 52 19.07 3.95 -29.19
CA PHE F 52 18.14 4.43 -28.18
C PHE F 52 17.91 5.91 -28.25
N VAL F 53 16.64 6.26 -28.12
CA VAL F 53 16.22 7.64 -28.10
C VAL F 53 16.85 8.14 -26.79
N ARG F 54 17.37 9.36 -26.83
CA ARG F 54 18.03 10.00 -25.68
C ARG F 54 17.57 9.53 -24.31
N TYR F 55 18.39 8.71 -23.64
CA TYR F 55 18.01 8.24 -22.33
C TYR F 55 19.21 8.18 -21.39
N ASP F 56 20.21 9.02 -21.67
CA ASP F 56 21.43 9.07 -20.87
C ASP F 56 21.36 10.18 -19.83
N ASP F 57 22.17 10.03 -18.79
CA ASP F 57 22.29 10.98 -17.67
C ASP F 57 21.04 11.17 -16.80
N GLY F 58 20.58 10.06 -16.20
CA GLY F 58 19.42 10.10 -15.32
C GLY F 58 18.10 10.61 -15.85
N TYR F 59 17.97 10.79 -17.17
CA TYR F 59 16.74 11.26 -17.78
C TYR F 59 16.33 10.43 -19.00
N VAL F 60 15.03 10.30 -19.21
CA VAL F 60 14.48 9.58 -20.35
C VAL F 60 13.65 10.66 -21.05
N SER F 61 13.92 10.90 -22.33
CA SER F 61 13.19 11.92 -23.06
C SER F 61 11.97 11.36 -23.77
N THR F 62 11.01 12.24 -24.01
CA THR F 62 9.79 11.86 -24.68
C THR F 62 9.44 12.95 -25.68
N SER F 63 8.39 12.70 -26.47
CA SER F 63 7.92 13.63 -27.48
C SER F 63 6.45 14.00 -27.22
N LEU F 64 6.05 15.16 -27.74
CA LEU F 64 4.70 15.68 -27.53
C LEU F 64 3.58 15.07 -28.35
N SER F 65 3.94 14.30 -29.37
CA SER F 65 2.94 13.67 -30.23
C SER F 65 3.43 12.31 -30.73
N LEU F 66 2.47 11.52 -31.18
CA LEU F 66 2.77 10.21 -31.73
C LEU F 66 3.71 10.37 -32.93
N ARG F 67 3.38 11.29 -33.82
CA ARG F 67 4.15 11.55 -35.05
C ARG F 67 5.63 11.85 -34.85
N SER F 68 5.92 12.72 -33.89
CA SER F 68 7.29 13.12 -33.57
C SER F 68 8.06 11.92 -33.02
N ALA F 69 7.44 11.21 -32.08
CA ALA F 69 8.06 10.05 -31.45
C ALA F 69 8.32 9.02 -32.55
N HIS F 70 7.39 8.96 -33.49
CA HIS F 70 7.51 8.04 -34.61
C HIS F 70 8.69 8.41 -35.55
N LEU F 71 8.93 9.71 -35.72
CA LEU F 71 10.02 10.21 -36.55
C LEU F 71 11.38 9.81 -35.95
N ALA F 72 11.48 9.86 -34.63
CA ALA F 72 12.70 9.48 -33.94
C ALA F 72 12.94 7.98 -34.08
N GLY F 73 11.91 7.19 -33.80
CA GLY F 73 12.06 5.76 -33.91
C GLY F 73 12.52 5.36 -35.30
N GLN F 74 12.04 6.09 -36.31
CA GLN F 74 12.39 5.85 -37.71
C GLN F 74 13.89 5.92 -38.01
N SER F 75 14.51 6.99 -37.53
CA SER F 75 15.94 7.21 -37.74
C SER F 75 16.78 6.52 -36.68
N ILE F 76 16.20 6.33 -35.50
CA ILE F 76 16.91 5.69 -34.41
C ILE F 76 16.76 4.17 -34.47
N LEU F 77 15.55 3.68 -34.22
CA LEU F 77 15.32 2.24 -34.24
C LEU F 77 15.18 1.72 -35.65
N SER F 78 15.74 2.45 -36.61
CA SER F 78 15.71 2.08 -38.04
C SER F 78 15.92 0.58 -38.32
N GLY F 79 16.93 -0.01 -37.68
CA GLY F 79 17.21 -1.42 -37.89
C GLY F 79 16.12 -2.39 -37.47
N TYR F 80 15.55 -2.18 -36.29
CA TYR F 80 14.51 -3.04 -35.69
C TYR F 80 13.28 -3.36 -36.54
N SER F 81 12.86 -4.63 -36.49
CA SER F 81 11.68 -5.07 -37.22
C SER F 81 10.40 -4.86 -36.42
N THR F 82 10.53 -4.63 -35.12
CA THR F 82 9.37 -4.39 -34.26
C THR F 82 9.78 -3.62 -33.01
N TYR F 83 9.19 -2.46 -32.80
CA TYR F 83 9.49 -1.66 -31.61
C TYR F 83 8.16 -1.11 -31.06
N TYR F 84 8.22 -0.26 -30.04
CA TYR F 84 7.00 0.28 -29.43
C TYR F 84 7.08 1.78 -29.23
N ILE F 85 5.90 2.37 -29.12
CA ILE F 85 5.76 3.80 -28.85
C ILE F 85 4.82 3.79 -27.64
N TYR F 86 5.39 4.09 -26.47
CA TYR F 86 4.62 4.11 -25.24
C TYR F 86 3.94 5.45 -25.05
N VAL F 87 2.71 5.41 -24.55
CA VAL F 87 1.91 6.60 -24.30
C VAL F 87 2.04 6.85 -22.80
N ILE F 88 2.67 7.97 -22.47
CA ILE F 88 2.99 8.38 -21.11
C ILE F 88 2.16 9.58 -20.56
N ALA F 89 1.66 9.41 -19.33
CA ALA F 89 0.87 10.43 -18.64
C ALA F 89 1.82 11.51 -18.10
N THR F 90 1.38 12.77 -18.07
CA THR F 90 2.21 13.87 -17.57
C THR F 90 2.19 13.88 -16.06
N ALA F 91 3.34 14.19 -15.48
CA ALA F 91 3.44 14.25 -14.03
C ALA F 91 4.64 15.15 -13.72
N PRO F 92 4.79 15.54 -12.45
CA PRO F 92 5.89 16.39 -11.99
C PRO F 92 7.29 15.87 -12.19
N ASN F 93 7.49 14.60 -12.48
CA ASN F 93 8.86 14.11 -12.68
C ASN F 93 9.41 14.50 -14.06
N MET F 94 8.58 15.14 -14.88
CA MET F 94 9.00 15.52 -16.22
C MET F 94 9.24 17.01 -16.42
N PHE F 95 10.30 17.32 -17.17
CA PHE F 95 10.72 18.68 -17.49
C PHE F 95 10.88 18.93 -18.99
N ASN F 96 10.37 20.07 -19.45
CA ASN F 96 10.46 20.44 -20.86
C ASN F 96 11.87 20.95 -21.09
N VAL F 97 12.69 20.11 -21.72
CA VAL F 97 14.08 20.46 -21.99
C VAL F 97 14.29 21.86 -22.57
N ASN F 98 13.39 22.29 -23.45
CA ASN F 98 13.52 23.60 -24.06
C ASN F 98 13.30 24.71 -23.04
N ASP F 99 12.18 24.63 -22.31
CA ASP F 99 11.81 25.62 -21.28
C ASP F 99 12.83 25.84 -20.18
N VAL F 100 13.50 24.75 -19.78
CA VAL F 100 14.48 24.82 -18.72
C VAL F 100 15.86 25.27 -19.20
N LEU F 101 16.34 24.68 -20.30
CA LEU F 101 17.65 24.99 -20.82
C LEU F 101 17.75 26.30 -21.59
N GLY F 102 16.63 26.72 -22.15
CA GLY F 102 16.59 27.96 -22.90
C GLY F 102 17.56 28.07 -24.07
N VAL F 103 18.25 29.21 -24.11
CA VAL F 103 19.22 29.52 -25.18
C VAL F 103 20.21 28.42 -25.45
N TYR F 104 20.55 27.68 -24.40
CA TYR F 104 21.54 26.61 -24.52
C TYR F 104 20.94 25.25 -24.77
N SER F 105 19.70 25.23 -25.28
CA SER F 105 18.99 24.00 -25.61
C SER F 105 19.74 23.27 -26.73
N PRO F 106 20.49 22.20 -26.38
CA PRO F 106 21.30 21.34 -27.23
C PRO F 106 20.77 21.05 -28.64
N HIS F 107 19.49 20.71 -28.74
CA HIS F 107 18.79 20.39 -30.00
C HIS F 107 17.37 20.89 -29.79
N PRO F 108 17.16 22.21 -29.97
CA PRO F 108 15.93 22.98 -29.83
C PRO F 108 14.66 22.54 -30.56
N TYR F 109 14.61 22.73 -31.87
CA TYR F 109 13.44 22.41 -32.68
C TYR F 109 12.85 21.01 -32.52
N GLU F 110 13.44 20.20 -31.66
CA GLU F 110 12.95 18.86 -31.43
C GLU F 110 11.95 18.75 -30.27
N GLN F 111 11.76 19.85 -29.53
CA GLN F 111 10.81 19.95 -28.40
C GLN F 111 10.62 18.76 -27.43
N GLU F 112 11.70 18.34 -26.76
CA GLU F 112 11.66 17.20 -25.83
C GLU F 112 11.16 17.52 -24.42
N VAL F 113 10.71 16.48 -23.73
CA VAL F 113 10.22 16.58 -22.35
C VAL F 113 10.84 15.39 -21.66
N SER F 114 11.79 15.60 -20.77
CA SER F 114 12.46 14.51 -20.08
C SER F 114 12.00 14.21 -18.67
N ALA F 115 11.84 12.91 -18.38
CA ALA F 115 11.43 12.42 -17.07
C ALA F 115 12.68 12.15 -16.25
N LEU F 116 12.83 12.92 -15.16
CA LEU F 116 13.96 12.79 -14.25
C LEU F 116 13.87 11.46 -13.55
N GLY F 117 14.90 10.64 -13.72
CA GLY F 117 14.96 9.33 -13.08
C GLY F 117 14.25 8.18 -13.76
N GLY F 118 13.68 8.42 -14.95
CA GLY F 118 12.98 7.39 -15.67
C GLY F 118 11.48 7.62 -15.66
N ILE F 119 10.72 6.61 -16.08
CA ILE F 119 9.25 6.69 -16.10
C ILE F 119 8.69 5.42 -15.43
N PRO F 120 8.13 5.56 -14.22
CA PRO F 120 7.60 4.38 -13.57
C PRO F 120 6.49 3.70 -14.39
N TYR F 121 6.39 2.39 -14.28
CA TYR F 121 5.40 1.62 -15.03
C TYR F 121 3.96 2.08 -14.80
N SER F 122 3.63 2.51 -13.59
CA SER F 122 2.27 2.96 -13.30
C SER F 122 1.89 4.28 -13.97
N GLN F 123 2.86 4.93 -14.59
CA GLN F 123 2.64 6.20 -15.25
C GLN F 123 2.46 6.01 -16.74
N ILE F 124 2.77 4.80 -17.22
CA ILE F 124 2.61 4.47 -18.64
C ILE F 124 1.15 4.03 -18.92
N TYR F 125 0.48 4.78 -19.80
CA TYR F 125 -0.92 4.52 -20.15
C TYR F 125 -1.08 3.29 -21.02
N GLY F 126 -0.29 3.21 -22.09
CA GLY F 126 -0.38 2.08 -22.97
C GLY F 126 0.76 2.18 -23.96
N TRP F 127 0.65 1.48 -25.09
CA TRP F 127 1.70 1.53 -26.11
C TRP F 127 1.20 0.99 -27.45
N TYR F 128 1.91 1.35 -28.51
CA TYR F 128 1.59 0.89 -29.84
C TYR F 128 2.75 0.05 -30.30
N ARG F 129 2.46 -0.95 -31.13
CA ARG F 129 3.51 -1.80 -31.70
C ARG F 129 3.81 -1.22 -33.09
N VAL F 130 5.07 -1.25 -33.49
CA VAL F 130 5.47 -0.75 -34.79
C VAL F 130 6.17 -1.89 -35.50
N ASN F 131 5.61 -2.30 -36.63
CA ASN F 131 6.14 -3.39 -37.46
C ASN F 131 6.71 -2.90 -38.78
N PHE F 132 7.97 -3.24 -39.05
CA PHE F 132 8.67 -2.85 -40.27
C PHE F 132 8.38 -1.36 -40.46
N GLY F 133 8.52 -0.61 -39.37
CA GLY F 133 8.32 0.84 -39.36
C GLY F 133 6.92 1.39 -39.56
N VAL F 134 5.89 0.57 -39.36
CA VAL F 134 4.52 1.04 -39.54
C VAL F 134 3.71 0.78 -38.27
N ILE F 135 3.22 1.87 -37.69
CA ILE F 135 2.44 1.82 -36.46
C ILE F 135 1.13 1.04 -36.58
N ASP F 136 0.89 0.14 -35.64
CA ASP F 136 -0.37 -0.62 -35.60
C ASP F 136 -1.28 0.30 -34.79
N GLU F 137 -2.34 0.77 -35.41
CA GLU F 137 -3.29 1.67 -34.76
C GLU F 137 -4.13 1.05 -33.63
N ARG F 138 -3.51 0.17 -32.86
CA ARG F 138 -4.21 -0.46 -31.77
C ARG F 138 -3.36 -0.23 -30.55
N LEU F 139 -3.80 0.70 -29.71
CA LEU F 139 -3.10 1.01 -28.47
C LEU F 139 -3.46 -0.08 -27.46
N HIS F 140 -2.48 -0.49 -26.66
CA HIS F 140 -2.74 -1.49 -25.65
C HIS F 140 -2.63 -0.81 -24.31
N ARG F 141 -3.76 -0.73 -23.63
CA ARG F 141 -3.84 -0.11 -22.33
C ARG F 141 -3.03 -0.91 -21.32
N ASN F 142 -2.28 -0.20 -20.49
CA ASN F 142 -1.47 -0.79 -19.43
C ASN F 142 -2.44 -0.97 -18.29
N ARG F 143 -2.70 -2.22 -17.89
CA ARG F 143 -3.64 -2.46 -16.80
C ARG F 143 -3.20 -1.80 -15.50
N GLU F 144 -1.89 -1.61 -15.30
CA GLU F 144 -1.35 -1.03 -14.07
C GLU F 144 -1.16 0.50 -14.06
N TYR F 145 -1.80 1.18 -14.98
CA TYR F 145 -1.69 2.62 -15.05
C TYR F 145 -2.59 3.20 -13.96
N ARG F 146 -2.08 4.09 -13.11
CA ARG F 146 -2.89 4.71 -12.01
C ARG F 146 -3.70 5.88 -12.56
N ASP F 147 -4.94 5.61 -12.91
CA ASP F 147 -5.78 6.61 -13.48
C ASP F 147 -6.19 7.72 -12.51
N ARG F 148 -6.76 7.36 -11.37
CA ARG F 148 -7.16 8.40 -10.45
C ARG F 148 -5.97 9.29 -10.12
N TYR F 149 -4.83 8.70 -9.79
CA TYR F 149 -3.68 9.50 -9.44
C TYR F 149 -3.16 10.45 -10.50
N TYR F 150 -2.88 9.93 -11.69
CA TYR F 150 -2.33 10.73 -12.77
C TYR F 150 -3.28 11.60 -13.52
N ARG F 151 -4.56 11.45 -13.23
CA ARG F 151 -5.64 12.18 -13.87
C ARG F 151 -5.45 13.69 -13.83
N ASN F 152 -5.20 14.21 -12.64
CA ASN F 152 -5.03 15.65 -12.44
C ASN F 152 -3.57 16.18 -12.43
N LEU F 153 -2.60 15.33 -12.78
CA LEU F 153 -1.20 15.77 -12.75
C LEU F 153 -0.71 16.38 -14.04
N ASN F 154 0.35 17.16 -13.93
CA ASN F 154 0.92 17.79 -15.10
C ASN F 154 2.43 17.96 -14.97
N ILE F 155 3.06 18.41 -16.04
CA ILE F 155 4.51 18.62 -16.07
C ILE F 155 5.01 19.65 -15.06
N ALA F 156 6.23 19.47 -14.57
CA ALA F 156 6.81 20.39 -13.60
C ALA F 156 7.08 21.72 -14.31
N PRO F 157 6.66 22.86 -13.73
CA PRO F 157 6.92 24.13 -14.40
C PRO F 157 8.44 24.39 -14.46
N ALA F 158 8.90 25.07 -15.53
CA ALA F 158 10.32 25.35 -15.73
C ALA F 158 11.02 25.95 -14.52
N GLU F 159 10.26 26.69 -13.72
CA GLU F 159 10.78 27.33 -12.49
C GLU F 159 11.55 26.33 -11.62
N ASP F 160 10.95 25.15 -11.47
CA ASP F 160 11.48 24.06 -10.66
C ASP F 160 12.65 23.32 -11.28
N GLY F 161 12.77 23.43 -12.60
CA GLY F 161 13.85 22.75 -13.30
C GLY F 161 15.13 23.56 -13.33
N TYR F 162 14.98 24.88 -13.26
CA TYR F 162 16.11 25.81 -13.28
C TYR F 162 17.37 25.41 -12.51
N ARG F 163 17.22 25.13 -11.22
CA ARG F 163 18.37 24.74 -10.42
C ARG F 163 18.89 23.34 -10.80
N LEU F 164 18.00 22.53 -11.39
CA LEU F 164 18.32 21.17 -11.82
C LEU F 164 18.89 21.19 -13.25
N ALA F 165 19.01 22.40 -13.83
CA ALA F 165 19.51 22.62 -15.19
C ALA F 165 20.84 21.97 -15.61
N GLY F 166 21.64 21.53 -14.64
CA GLY F 166 22.89 20.87 -14.94
C GLY F 166 24.01 21.58 -15.69
N PHE F 167 23.81 22.84 -16.07
CA PHE F 167 24.84 23.61 -16.78
C PHE F 167 26.19 23.46 -16.10
N PRO F 168 27.28 23.42 -16.88
CA PRO F 168 28.59 23.29 -16.25
C PRO F 168 28.85 24.57 -15.41
N PRO F 169 29.66 24.45 -14.35
CA PRO F 169 30.01 25.54 -13.44
C PRO F 169 29.84 26.98 -13.96
N ASP F 170 30.46 27.29 -15.09
CA ASP F 170 30.40 28.63 -15.68
C ASP F 170 29.13 28.95 -16.47
N HIS F 171 29.03 28.30 -17.63
CA HIS F 171 27.97 28.43 -18.62
C HIS F 171 27.19 29.70 -18.90
N GLN F 172 27.65 30.86 -18.42
CA GLN F 172 26.97 32.13 -18.68
C GLN F 172 25.52 32.25 -18.19
N ALA F 173 24.73 31.20 -18.39
CA ALA F 173 23.34 31.13 -17.96
C ALA F 173 23.35 31.37 -16.48
N TRP F 174 24.29 30.72 -15.80
CA TRP F 174 24.46 30.87 -14.38
C TRP F 174 24.67 32.35 -14.02
N ARG F 175 24.95 33.16 -15.04
CA ARG F 175 25.17 34.59 -14.92
C ARG F 175 24.17 35.39 -15.78
N GLU F 176 23.01 34.79 -16.04
CA GLU F 176 21.95 35.45 -16.79
C GLU F 176 20.55 34.91 -16.48
N GLU F 177 19.53 35.66 -16.89
CA GLU F 177 18.14 35.29 -16.63
C GLU F 177 17.65 34.00 -17.31
N PRO F 178 17.01 33.10 -16.53
CA PRO F 178 16.70 33.22 -15.11
C PRO F 178 17.46 32.20 -14.28
N TRP F 179 18.54 31.67 -14.84
CA TRP F 179 19.34 30.65 -14.16
C TRP F 179 20.11 31.20 -12.98
N ILE F 180 20.30 32.53 -12.99
CA ILE F 180 21.01 33.22 -11.92
C ILE F 180 20.19 33.23 -10.60
N HIS F 181 18.87 33.40 -10.73
CA HIS F 181 17.96 33.44 -9.58
C HIS F 181 17.79 32.06 -8.96
N HIS F 182 18.38 31.05 -9.59
CA HIS F 182 18.23 29.67 -9.12
C HIS F 182 19.52 28.84 -9.07
N ALA F 183 20.66 29.45 -9.36
CA ALA F 183 21.96 28.73 -9.38
C ALA F 183 22.37 27.91 -8.14
N PRO F 184 22.65 26.60 -8.31
CA PRO F 184 23.05 25.74 -7.19
C PRO F 184 24.31 26.30 -6.51
N GLN F 185 24.53 25.91 -5.26
CA GLN F 185 25.67 26.41 -4.48
C GLN F 185 27.03 26.18 -5.15
N GLY F 186 27.38 27.07 -6.08
CA GLY F 186 28.64 26.95 -6.78
C GLY F 186 28.51 27.21 -8.27
N CYS F 187 27.38 27.79 -8.64
CA CYS F 187 27.10 28.09 -10.04
C CYS F 187 26.78 29.58 -10.09
N GLY F 188 27.04 30.22 -11.22
CA GLY F 188 26.76 31.64 -11.34
C GLY F 188 27.98 32.41 -11.76
N GLY G 4 33.39 20.87 -9.61
CA GLY G 4 33.53 19.80 -8.59
C GLY G 4 32.39 19.87 -7.59
N ASP G 5 32.73 19.80 -6.31
CA ASP G 5 31.73 19.87 -5.24
C ASP G 5 31.37 21.35 -5.05
N THR G 6 31.17 22.02 -6.17
CA THR G 6 30.83 23.42 -6.21
C THR G 6 29.47 23.45 -6.88
N CYS G 7 29.46 23.85 -8.16
CA CYS G 7 28.26 23.92 -8.94
C CYS G 7 27.58 22.58 -9.10
N ASN G 8 28.31 21.65 -9.70
CA ASN G 8 27.82 20.31 -10.01
C ASN G 8 27.59 19.29 -8.86
N GLU G 9 28.20 19.45 -7.69
CA GLU G 9 27.91 18.49 -6.62
C GLU G 9 26.47 18.82 -6.25
N GLU G 10 26.15 20.10 -6.37
CA GLU G 10 24.83 20.62 -6.10
C GLU G 10 23.76 20.05 -7.00
N THR G 11 23.88 20.30 -8.30
CA THR G 11 22.93 19.80 -9.28
C THR G 11 22.66 18.31 -9.05
N GLN G 12 23.73 17.56 -8.85
CA GLN G 12 23.65 16.13 -8.61
C GLN G 12 22.85 15.82 -7.33
N ASN G 13 23.14 16.54 -6.25
CA ASN G 13 22.45 16.32 -4.99
C ASN G 13 21.01 16.83 -5.03
N LEU G 14 20.78 17.90 -5.79
CA LEU G 14 19.45 18.49 -5.92
C LEU G 14 18.50 17.62 -6.75
N SER G 15 19.05 17.05 -7.82
CA SER G 15 18.33 16.18 -8.73
C SER G 15 17.94 14.87 -8.01
N THR G 16 18.85 14.31 -7.24
CA THR G 16 18.59 13.11 -6.48
C THR G 16 17.47 13.39 -5.45
N ILE G 17 17.50 14.58 -4.84
CA ILE G 17 16.50 14.99 -3.85
C ILE G 17 15.10 15.03 -4.46
N TYR G 18 14.97 15.65 -5.62
CA TYR G 18 13.69 15.76 -6.31
C TYR G 18 13.17 14.36 -6.64
N LEU G 19 14.10 13.50 -7.10
CA LEU G 19 13.77 12.12 -7.46
C LEU G 19 13.27 11.27 -6.29
N ARG G 20 14.00 11.25 -5.17
CA ARG G 20 13.59 10.49 -3.99
C ARG G 20 12.23 10.92 -3.47
N GLU G 21 11.91 12.20 -3.65
CA GLU G 21 10.63 12.72 -3.22
C GLU G 21 9.56 12.09 -4.10
N TYR G 22 9.76 12.15 -5.40
CA TYR G 22 8.81 11.58 -6.35
C TYR G 22 8.61 10.07 -6.09
N GLN G 23 9.72 9.34 -5.99
CA GLN G 23 9.72 7.90 -5.75
C GLN G 23 8.87 7.50 -4.55
N SER G 24 8.81 8.38 -3.55
CA SER G 24 7.99 8.13 -2.37
C SER G 24 6.52 8.30 -2.74
N LYS G 25 6.20 9.26 -3.60
CA LYS G 25 4.81 9.46 -4.05
C LYS G 25 4.31 8.19 -4.77
N VAL G 26 5.22 7.57 -5.52
CA VAL G 26 4.95 6.35 -6.26
C VAL G 26 4.73 5.18 -5.30
N LYS G 27 5.61 5.02 -4.31
CA LYS G 27 5.44 3.93 -3.39
C LYS G 27 4.16 4.08 -2.62
N ARG G 28 3.80 5.31 -2.29
CA ARG G 28 2.55 5.55 -1.56
C ARG G 28 1.32 5.05 -2.38
N GLN G 29 1.47 5.03 -3.70
CA GLN G 29 0.43 4.55 -4.62
C GLN G 29 0.43 3.03 -4.73
N ILE G 30 1.47 2.47 -5.33
CA ILE G 30 1.56 1.03 -5.52
C ILE G 30 1.72 0.13 -4.28
N PHE G 31 2.39 0.61 -3.22
CA PHE G 31 2.56 -0.21 -1.99
C PHE G 31 1.35 -0.19 -1.08
N SER G 32 0.50 0.84 -1.19
CA SER G 32 -0.71 0.91 -0.40
C SER G 32 -1.70 -0.17 -0.80
N ASP G 33 -1.56 -0.72 -2.00
CA ASP G 33 -2.48 -1.78 -2.44
C ASP G 33 -2.31 -3.05 -1.62
N TYR G 34 -1.16 -3.18 -0.96
CA TYR G 34 -0.89 -4.37 -0.20
C TYR G 34 -1.25 -4.27 1.25
N GLN G 35 -1.50 -3.06 1.72
CA GLN G 35 -1.84 -2.84 3.11
C GLN G 35 -3.15 -3.55 3.45
N SER G 36 -3.10 -4.46 4.42
CA SER G 36 -4.28 -5.20 4.89
C SER G 36 -4.60 -4.69 6.29
N GLU G 37 -5.85 -4.32 6.56
CA GLU G 37 -6.20 -3.79 7.88
C GLU G 37 -6.50 -4.90 8.89
N VAL G 38 -6.11 -4.66 10.13
CA VAL G 38 -6.32 -5.65 11.17
C VAL G 38 -7.46 -5.35 12.14
N ASP G 39 -8.12 -6.39 12.64
CA ASP G 39 -9.17 -6.18 13.62
C ASP G 39 -8.43 -6.15 14.95
N ILE G 40 -8.19 -4.94 15.45
CA ILE G 40 -7.46 -4.75 16.69
C ILE G 40 -8.17 -5.38 17.88
N TYR G 41 -9.49 -5.23 17.96
CA TYR G 41 -10.20 -5.82 19.09
C TYR G 41 -10.17 -7.36 19.12
N ASN G 42 -9.78 -7.98 18.02
CA ASN G 42 -9.66 -9.45 17.92
C ASN G 42 -8.20 -9.83 18.20
N ARG G 43 -7.30 -8.91 17.90
CA ARG G 43 -5.88 -9.09 18.14
C ARG G 43 -5.65 -9.02 19.65
N ILE G 44 -6.19 -7.96 20.24
CA ILE G 44 -6.10 -7.67 21.66
C ILE G 44 -7.30 -8.32 22.37
O5 A2G H . -33.54 -15.97 8.64
C1 A2G H . -34.74 -15.37 7.99
O1 A2G H . -35.34 -16.50 7.44
C2 A2G H . -34.65 -14.09 7.09
N2 A2G H . -35.01 -13.99 5.61
C3 A2G H . -33.26 -13.51 7.23
O3 A2G H . -33.38 -12.21 6.71
C4 A2G H . -32.79 -13.47 8.72
O4 A2G H . -33.73 -12.74 9.56
C5 A2G H . -32.53 -15.01 9.19
C6 A2G H . -32.48 -15.26 10.71
O6 A2G H . -32.21 -16.63 11.03
C7 A2G H . -35.92 -13.21 5.02
O7 A2G H . -36.68 -12.45 5.65
C8 A2G H . -36.12 -13.23 3.52
C1 GAL H . -32.41 -11.75 5.76
C2 GAL H . -32.83 -10.28 5.33
C3 GAL H . -31.74 -9.64 4.42
C4 GAL H . -30.44 -9.51 5.31
C5 GAL H . -30.02 -11.02 5.78
C6 GAL H . -28.84 -11.18 6.75
O2 GAL H . -34.07 -10.25 4.67
O3 GAL H . -32.17 -8.40 3.88
O4 GAL H . -30.67 -8.60 6.41
O5 GAL H . -31.13 -11.71 6.44
O6 GAL H . -28.62 -12.57 6.98
C1 GAL I . 11.76 -21.14 22.89
C2 GAL I . 12.35 -22.08 21.75
C3 GAL I . 12.44 -21.34 20.38
C4 GAL I . 11.05 -20.64 20.06
C5 GAL I . 10.71 -19.67 21.20
C6 GAL I . 9.49 -18.81 21.05
O2 GAL I . 13.68 -22.54 22.06
O3 GAL I . 12.85 -22.21 19.38
O4 GAL I . 9.98 -21.56 19.91
O5 GAL I . 10.57 -20.45 22.35
O6 GAL I . 9.15 -18.13 22.26
C1 GAL J . 4.21 6.60 31.87
C2 GAL J . 5.72 6.44 31.49
C3 GAL J . 6.01 6.74 30.01
C4 GAL J . 5.14 5.90 29.09
C5 GAL J . 3.62 6.06 29.52
C6 GAL J . 2.71 5.09 28.69
O2 GAL J . 6.55 7.34 32.22
O3 GAL J . 7.37 6.47 29.74
O4 GAL J . 5.55 4.55 29.13
O5 GAL J . 3.48 5.77 30.96
O6 GAL J . 1.32 5.26 28.87
C1 GAL K . -10.91 -32.00 7.18
C2 GAL K . -11.73 -31.93 5.80
C3 GAL K . -11.12 -30.92 4.82
C4 GAL K . -11.00 -29.56 5.51
C5 GAL K . -10.15 -29.66 6.82
C6 GAL K . -10.06 -28.33 7.57
O2 GAL K . -11.90 -33.13 5.03
O3 GAL K . -12.02 -30.89 3.74
O4 GAL K . -12.31 -29.15 5.82
O5 GAL K . -10.77 -30.65 7.72
O6 GAL K . -9.52 -28.48 8.88
#